data_6N9N
#
_entry.id   6N9N
#
_cell.length_a   66.420
_cell.length_b   86.840
_cell.length_c   83.540
_cell.angle_alpha   90.00
_cell.angle_beta   95.27
_cell.angle_gamma   90.00
#
_symmetry.space_group_name_H-M   'P 1 21 1'
#
_entity_poly.entity_id   1
_entity_poly.type   'polypeptide(L)'
_entity_poly.pdbx_seq_one_letter_code
;SMPSAFEKVVKNVIKEVSGSRGDLIPVDSLRNSTSFRPYCLLNRKFSSSRFWKPRYSCVNLSIKDILEPSAPEPEPECFG
SFKVSDVVDGNIQGRVMLSGMGEGKISGGAAVSDSSSASMNVCILRVTQKTWETMQHERHLQQPENKILQQLRSRGDDLF
VVTEVLQTKEEVQITEVHSQEGSGQFTLPGALCLKGEGKGHQSRKKMVTIPAGSILAFRVAQLLIGSKWDILLVSDEKQR
TFEPSSGDRKAVGQRHHGLNVLAALCSIGKQLSLLSDGIDEEELIEAADFQGLYAEVKACSSELESLEMELRQQILVNIG
KILQDQPSMEALEASLGQGLCSGGQVEPLDGPAGCILECLVLDSGELVPELAAPIFYLLGALAVLSETQQQLLAKALETT
VLSKQLELVKHVLEQSTPWQEQSSVSLPTVLLGDCWDEKNPTWVLLEECGLRLQVESPQVHWEPTSLIPTSALYASLFLL
SSLGQKPC
;
_entity_poly.pdbx_strand_id   A,B
#
# COMPACT_ATOMS: atom_id res chain seq x y z
N PRO A 3 -3.05 -3.12 24.85
CA PRO A 3 -3.43 -4.45 24.34
C PRO A 3 -3.40 -5.55 25.43
N SER A 4 -4.44 -5.61 26.27
CA SER A 4 -4.42 -6.50 27.42
C SER A 4 -4.45 -8.00 27.07
N ALA A 5 -5.62 -8.47 26.63
CA ALA A 5 -5.90 -9.89 26.44
C ALA A 5 -6.45 -10.18 25.05
N PHE A 6 -7.40 -9.38 24.60
CA PHE A 6 -8.11 -9.67 23.38
C PHE A 6 -7.75 -8.71 22.27
N GLU A 7 -7.02 -7.63 22.59
CA GLU A 7 -6.46 -6.75 21.58
C GLU A 7 -5.36 -7.41 20.80
N LYS A 8 -4.83 -8.52 21.33
CA LYS A 8 -3.70 -9.20 20.70
C LYS A 8 -4.15 -10.00 19.47
N VAL A 9 -5.22 -10.78 19.59
CA VAL A 9 -5.69 -11.59 18.47
C VAL A 9 -6.29 -10.71 17.37
N VAL A 10 -6.80 -9.53 17.73
CA VAL A 10 -7.31 -8.59 16.74
C VAL A 10 -6.19 -7.91 15.96
N LYS A 11 -5.09 -7.56 16.63
CA LYS A 11 -3.94 -7.00 15.94
C LYS A 11 -3.32 -8.00 14.98
N ASN A 12 -3.39 -9.31 15.31
CA ASN A 12 -2.89 -10.36 14.41
C ASN A 12 -3.68 -10.38 13.08
N VAL A 13 -5.01 -10.38 13.18
CA VAL A 13 -5.89 -10.48 12.00
C VAL A 13 -5.86 -9.20 11.16
N ILE A 14 -5.77 -8.03 11.79
CA ILE A 14 -5.74 -6.83 10.95
C ILE A 14 -4.38 -6.66 10.30
N LYS A 15 -3.31 -7.17 10.92
CA LYS A 15 -1.98 -7.04 10.30
C LYS A 15 -1.71 -8.07 9.19
N GLU A 16 -2.15 -9.33 9.36
CA GLU A 16 -1.81 -10.35 8.35
C GLU A 16 -2.46 -10.05 7.01
N VAL A 17 -3.72 -9.68 7.03
CA VAL A 17 -4.48 -9.52 5.80
C VAL A 17 -4.98 -8.08 5.68
N SER A 18 -4.15 -7.13 6.11
CA SER A 18 -4.52 -5.72 6.06
C SER A 18 -4.96 -5.30 4.65
N GLY A 19 -5.96 -4.47 4.58
CA GLY A 19 -6.54 -4.06 3.31
C GLY A 19 -5.87 -2.81 2.79
N SER A 20 -5.46 -2.86 1.51
CA SER A 20 -4.85 -1.71 0.85
C SER A 20 -5.88 -0.93 0.05
N ARG A 21 -7.17 -1.20 0.29
CA ARG A 21 -8.26 -0.44 -0.29
C ARG A 21 -8.73 0.70 0.63
N GLY A 22 -8.57 0.57 1.94
CA GLY A 22 -9.02 1.64 2.83
C GLY A 22 -8.59 1.44 4.26
N ASP A 23 -8.97 2.41 5.10
CA ASP A 23 -8.56 2.40 6.50
C ASP A 23 -9.28 1.27 7.20
N LEU A 24 -8.53 0.36 7.77
CA LEU A 24 -9.12 -0.77 8.47
C LEU A 24 -8.95 -0.47 9.95
N ILE A 25 -10.05 -0.08 10.56
CA ILE A 25 -10.05 0.31 11.96
C ILE A 25 -10.27 -0.94 12.81
N PRO A 26 -9.49 -1.14 13.86
CA PRO A 26 -9.70 -2.30 14.73
C PRO A 26 -10.77 -2.04 15.77
N VAL A 27 -11.42 -3.12 16.19
CA VAL A 27 -12.34 -3.09 17.33
C VAL A 27 -11.52 -3.03 18.61
N ASP A 28 -12.15 -2.57 19.69
CA ASP A 28 -11.43 -2.38 20.95
C ASP A 28 -11.83 -3.37 22.04
N SER A 29 -13.12 -3.46 22.40
CA SER A 29 -13.59 -4.37 23.44
C SER A 29 -14.43 -5.48 22.81
N LEU A 30 -14.42 -6.66 23.44
CA LEU A 30 -15.20 -7.74 22.87
C LEU A 30 -16.66 -7.60 23.25
N ARG A 31 -16.93 -6.90 24.37
CA ARG A 31 -18.30 -6.63 24.81
C ARG A 31 -18.99 -5.54 23.98
N ASN A 32 -18.22 -4.67 23.32
CA ASN A 32 -18.79 -3.63 22.46
C ASN A 32 -18.79 -4.03 20.96
N SER A 33 -18.45 -5.28 20.61
CA SER A 33 -18.31 -5.60 19.19
C SER A 33 -19.65 -5.60 18.46
N THR A 34 -20.76 -5.92 19.14
CA THR A 34 -22.06 -5.90 18.48
C THR A 34 -22.44 -4.50 18.02
N SER A 35 -21.87 -3.48 18.64
CA SER A 35 -22.26 -2.13 18.31
C SER A 35 -21.81 -1.76 16.91
N PHE A 36 -20.65 -2.26 16.50
CA PHE A 36 -20.03 -1.91 15.23
C PHE A 36 -20.38 -2.90 14.11
N ARG A 37 -21.74 -3.22 13.87
CA ARG A 37 -22.16 -4.14 12.80
C ARG A 37 -22.31 -3.36 11.51
N PRO A 38 -22.39 -4.03 10.36
CA PRO A 38 -22.56 -3.29 9.11
C PRO A 38 -23.85 -2.48 9.15
N TYR A 39 -23.83 -1.34 8.44
CA TYR A 39 -24.95 -0.40 8.38
C TYR A 39 -25.12 0.43 9.64
N CYS A 40 -24.38 0.07 10.68
CA CYS A 40 -24.52 0.76 11.94
C CYS A 40 -23.89 2.15 11.85
N LEU A 41 -24.02 2.88 12.96
CA LEU A 41 -23.60 4.27 13.07
C LEU A 41 -22.68 4.49 14.25
N LEU A 42 -21.72 5.40 14.02
CA LEU A 42 -20.67 5.83 14.93
C LEU A 42 -20.43 7.30 14.70
N ASN A 43 -20.16 8.02 15.79
CA ASN A 43 -19.82 9.43 15.73
C ASN A 43 -18.43 9.62 16.31
N ARG A 44 -17.72 10.62 15.81
CA ARG A 44 -16.42 11.03 16.32
C ARG A 44 -16.47 12.54 16.48
N LYS A 45 -15.81 13.05 17.52
CA LYS A 45 -15.91 14.47 17.88
C LYS A 45 -15.26 15.33 16.79
N PHE A 46 -15.26 16.66 16.99
CA PHE A 46 -14.63 17.51 16.00
C PHE A 46 -13.17 17.12 15.86
N SER A 47 -12.62 17.46 14.69
CA SER A 47 -11.27 17.08 14.31
C SER A 47 -10.58 18.34 13.80
N SER A 48 -10.01 19.12 14.71
CA SER A 48 -9.28 20.30 14.28
C SER A 48 -7.84 19.99 13.93
N SER A 49 -7.55 18.76 13.50
CA SER A 49 -6.21 18.38 13.11
C SER A 49 -6.31 17.30 12.06
N ARG A 50 -5.20 17.16 11.36
CA ARG A 50 -5.01 16.21 10.27
C ARG A 50 -4.26 14.96 10.69
N PHE A 51 -3.41 15.07 11.70
CA PHE A 51 -2.55 13.98 12.10
C PHE A 51 -3.23 12.98 13.05
N TRP A 52 -4.40 13.29 13.61
CA TRP A 52 -5.14 12.27 14.37
C TRP A 52 -6.64 12.47 14.20
N LYS A 53 -7.38 11.45 14.58
CA LYS A 53 -8.82 11.58 14.63
C LYS A 53 -9.32 10.72 15.79
N PRO A 54 -9.85 11.35 16.84
CA PRO A 54 -10.09 10.61 18.10
C PRO A 54 -11.06 9.45 17.91
N ARG A 55 -11.15 8.64 18.96
CA ARG A 55 -11.87 7.38 18.94
C ARG A 55 -13.24 7.50 18.29
N TYR A 56 -13.61 6.46 17.53
CA TYR A 56 -14.94 6.33 16.98
C TYR A 56 -15.79 5.73 18.11
N SER A 57 -16.82 6.47 18.50
CA SER A 57 -17.76 6.12 19.55
C SER A 57 -19.06 5.67 18.94
N CYS A 58 -19.72 4.70 19.57
CA CYS A 58 -20.94 4.13 19.02
C CYS A 58 -22.20 4.94 19.39
N VAL A 59 -22.91 5.44 18.38
CA VAL A 59 -24.24 6.06 18.49
C VAL A 59 -25.35 5.09 18.93
N ASN A 60 -25.03 3.80 19.07
CA ASN A 60 -26.04 2.80 19.44
C ASN A 60 -27.29 2.87 18.54
N LEU A 61 -27.12 3.18 17.24
CA LEU A 61 -28.21 3.15 16.26
C LEU A 61 -27.76 2.66 14.88
N SER A 62 -28.67 2.01 14.15
CA SER A 62 -28.43 1.61 12.78
C SER A 62 -28.70 2.79 11.86
N ILE A 63 -28.78 2.52 10.56
CA ILE A 63 -29.03 3.58 9.58
C ILE A 63 -30.43 3.55 9.00
N LYS A 64 -31.11 2.41 9.01
CA LYS A 64 -32.46 2.43 8.44
C LYS A 64 -33.39 3.38 9.20
N ASP A 65 -32.98 3.81 10.38
CA ASP A 65 -33.77 4.60 11.30
C ASP A 65 -33.39 6.08 11.34
N ILE A 66 -32.62 6.56 10.38
CA ILE A 66 -32.39 7.99 10.21
C ILE A 66 -33.07 8.46 8.95
N LEU A 67 -33.48 7.54 8.10
CA LEU A 67 -34.08 8.06 6.86
C LEU A 67 -35.59 7.92 6.94
N GLU A 68 -36.25 7.72 5.81
CA GLU A 68 -37.73 7.63 5.87
C GLU A 68 -38.14 6.19 6.18
N PRO A 69 -38.66 5.44 5.20
CA PRO A 69 -39.15 4.09 5.48
C PRO A 69 -38.15 3.17 6.19
N SER A 70 -38.59 2.39 7.17
CA SER A 70 -37.60 1.53 7.87
C SER A 70 -37.40 0.23 7.11
N ALA A 71 -36.41 -0.56 7.51
CA ALA A 71 -36.11 -1.86 6.87
C ALA A 71 -36.47 -2.99 7.82
N VAL A 84 -30.68 -2.96 8.37
CA VAL A 84 -31.08 -2.29 7.11
C VAL A 84 -31.58 -3.29 6.02
N SER A 85 -31.13 -3.14 4.77
CA SER A 85 -31.65 -3.97 3.68
C SER A 85 -31.22 -5.42 3.87
N ASP A 86 -29.92 -5.69 3.76
CA ASP A 86 -29.27 -6.93 4.18
C ASP A 86 -27.76 -6.83 3.95
N VAL A 87 -26.98 -7.51 4.80
CA VAL A 87 -25.53 -7.59 4.67
C VAL A 87 -25.11 -8.60 3.60
N VAL A 88 -24.32 -8.15 2.63
CA VAL A 88 -23.94 -8.95 1.46
C VAL A 88 -22.46 -9.32 1.59
N ASP A 89 -21.96 -10.09 0.62
CA ASP A 89 -20.54 -10.41 0.47
C ASP A 89 -19.96 -11.13 1.70
N GLY A 90 -20.35 -12.38 1.90
CA GLY A 90 -19.54 -13.19 2.78
C GLY A 90 -18.34 -13.59 1.96
N ASN A 91 -17.12 -13.15 2.31
CA ASN A 91 -15.87 -13.48 1.59
C ASN A 91 -14.89 -14.11 2.60
N ILE A 92 -15.04 -15.42 2.90
CA ILE A 92 -14.36 -16.02 4.06
C ILE A 92 -12.85 -15.83 3.96
N GLN A 93 -12.27 -15.23 5.01
CA GLN A 93 -10.82 -14.92 5.06
C GLN A 93 -10.02 -16.21 5.27
N GLY A 94 -10.53 -17.35 4.80
CA GLY A 94 -9.84 -18.65 4.93
C GLY A 94 -9.39 -18.62 6.39
N ARG A 95 -8.07 -18.65 6.62
CA ARG A 95 -7.49 -18.87 7.97
C ARG A 95 -6.41 -17.81 8.25
N VAL A 96 -5.93 -17.77 9.50
CA VAL A 96 -4.90 -16.84 9.94
C VAL A 96 -3.84 -17.56 10.76
N MET A 97 -2.71 -16.87 10.96
CA MET A 97 -1.63 -17.30 11.83
C MET A 97 -1.71 -16.54 13.15
N LEU A 98 -1.42 -17.24 14.26
CA LEU A 98 -1.51 -16.65 15.59
C LEU A 98 -0.10 -16.49 16.17
N SER A 99 0.03 -15.61 17.17
CA SER A 99 1.30 -15.45 17.88
C SER A 99 1.19 -15.97 19.31
N SER A 117 -7.57 -22.59 19.43
CA SER A 117 -6.24 -23.17 19.43
C SER A 117 -5.23 -22.26 18.72
N ALA A 118 -4.88 -22.64 17.48
CA ALA A 118 -3.96 -21.87 16.66
C ALA A 118 -4.37 -21.88 15.18
N SER A 119 -5.56 -22.40 14.87
CA SER A 119 -6.13 -22.46 13.52
C SER A 119 -7.53 -21.87 13.58
N MET A 120 -7.65 -20.58 13.26
CA MET A 120 -8.92 -19.86 13.27
C MET A 120 -9.27 -19.24 11.92
N ASN A 121 -10.44 -19.60 11.39
CA ASN A 121 -10.99 -19.03 10.17
C ASN A 121 -11.79 -17.77 10.48
N VAL A 122 -11.50 -16.65 9.80
CA VAL A 122 -12.30 -15.43 9.91
C VAL A 122 -12.93 -15.14 8.55
N CYS A 123 -13.87 -14.18 8.53
CA CYS A 123 -14.67 -13.83 7.35
C CYS A 123 -14.91 -12.33 7.32
N ILE A 124 -15.15 -11.77 6.13
CA ILE A 124 -15.45 -10.34 6.02
C ILE A 124 -16.80 -10.12 5.35
N LEU A 125 -17.51 -9.08 5.85
CA LEU A 125 -18.87 -8.70 5.45
C LEU A 125 -18.80 -7.28 4.93
N ARG A 126 -19.22 -7.10 3.69
CA ARG A 126 -19.06 -5.83 3.00
C ARG A 126 -20.44 -5.48 2.50
N VAL A 127 -20.65 -4.20 2.17
CA VAL A 127 -21.89 -3.79 1.53
C VAL A 127 -21.52 -3.04 0.27
N THR A 128 -22.05 -3.51 -0.85
CA THR A 128 -21.60 -3.00 -2.11
C THR A 128 -22.07 -1.57 -2.31
N GLN A 129 -21.26 -0.80 -3.01
CA GLN A 129 -21.66 0.55 -3.37
C GLN A 129 -22.93 0.56 -4.20
N LYS A 130 -23.22 -0.53 -4.91
CA LYS A 130 -24.49 -0.63 -5.62
C LYS A 130 -25.66 -0.53 -4.65
N THR A 131 -25.64 -1.32 -3.58
CA THR A 131 -26.71 -1.24 -2.61
C THR A 131 -26.72 0.10 -1.89
N TRP A 132 -25.57 0.74 -1.71
CA TRP A 132 -25.55 2.06 -1.11
C TRP A 132 -26.28 3.07 -1.98
N GLU A 133 -26.06 3.04 -3.29
CA GLU A 133 -26.59 4.10 -4.13
C GLU A 133 -28.07 3.91 -4.45
N THR A 134 -28.55 2.66 -4.51
CA THR A 134 -30.00 2.45 -4.65
C THR A 134 -30.74 2.90 -3.40
N MET A 135 -30.26 2.49 -2.22
CA MET A 135 -30.82 2.98 -0.96
C MET A 135 -30.57 4.47 -0.76
N GLN A 136 -29.56 5.05 -1.41
CA GLN A 136 -29.44 6.50 -1.36
C GLN A 136 -30.53 7.16 -2.20
N HIS A 137 -30.95 6.50 -3.27
CA HIS A 137 -32.06 6.95 -4.11
C HIS A 137 -33.40 6.35 -3.71
N GLU A 138 -33.39 5.19 -3.05
CA GLU A 138 -34.64 4.56 -2.61
C GLU A 138 -35.20 5.32 -1.42
N ARG A 139 -34.49 5.31 -0.29
CA ARG A 139 -34.93 6.08 0.86
C ARG A 139 -34.11 7.36 0.98
N HIS A 140 -34.79 8.44 1.36
CA HIS A 140 -34.16 9.73 1.56
C HIS A 140 -34.27 10.13 3.03
N LEU A 141 -33.69 11.27 3.36
CA LEU A 141 -33.49 11.61 4.75
C LEU A 141 -34.82 11.86 5.46
N GLN A 142 -34.91 11.40 6.69
CA GLN A 142 -36.03 11.72 7.58
C GLN A 142 -35.76 13.06 8.23
N GLN A 143 -36.50 14.09 7.82
CA GLN A 143 -36.30 15.42 8.40
C GLN A 143 -36.62 15.45 9.89
N PRO A 144 -37.85 15.05 10.36
CA PRO A 144 -38.17 15.19 11.80
C PRO A 144 -37.35 14.30 12.74
N GLU A 145 -36.02 14.49 12.71
CA GLU A 145 -35.07 13.84 13.61
C GLU A 145 -34.28 14.95 14.29
N ASN A 146 -34.70 15.29 15.51
CA ASN A 146 -34.05 16.31 16.35
C ASN A 146 -33.56 15.72 17.68
N LYS A 147 -33.83 14.44 17.94
CA LYS A 147 -33.44 13.85 19.22
C LYS A 147 -31.93 13.63 19.25
N ILE A 148 -31.41 12.90 18.27
CA ILE A 148 -29.97 12.63 18.19
C ILE A 148 -29.30 13.41 17.08
N LEU A 149 -29.97 13.64 15.96
CA LEU A 149 -29.31 14.33 14.87
C LEU A 149 -28.97 15.74 15.30
N GLN A 150 -29.86 16.36 16.07
CA GLN A 150 -29.60 17.70 16.56
C GLN A 150 -28.67 17.70 17.76
N GLN A 151 -28.66 16.66 18.61
CA GLN A 151 -27.67 16.68 19.67
C GLN A 151 -26.25 16.58 19.09
N LEU A 152 -26.09 15.94 17.91
CA LEU A 152 -24.76 15.76 17.30
C LEU A 152 -24.26 16.97 16.51
N ARG A 153 -25.11 17.56 15.67
CA ARG A 153 -24.70 18.76 14.96
C ARG A 153 -24.50 19.94 15.90
N SER A 154 -25.09 19.87 17.11
CA SER A 154 -24.95 20.90 18.14
C SER A 154 -23.52 21.05 18.63
N ARG A 155 -22.65 20.10 18.29
CA ARG A 155 -21.24 20.05 18.68
C ARG A 155 -20.29 20.05 17.47
N GLY A 156 -20.80 19.78 16.27
CA GLY A 156 -20.01 19.68 15.05
C GLY A 156 -19.38 18.33 14.84
N ASP A 157 -20.01 17.26 15.35
CA ASP A 157 -19.39 15.94 15.26
C ASP A 157 -19.59 15.30 13.90
N ASP A 158 -18.53 14.65 13.43
CA ASP A 158 -18.57 13.91 12.21
C ASP A 158 -19.42 12.64 12.41
N LEU A 159 -19.99 12.15 11.31
CA LEU A 159 -20.88 10.99 11.35
C LEU A 159 -20.49 9.99 10.27
N PHE A 160 -20.38 8.69 10.65
CA PHE A 160 -19.94 7.61 9.76
C PHE A 160 -20.85 6.39 9.89
N VAL A 161 -20.91 5.63 8.80
CA VAL A 161 -21.67 4.38 8.72
C VAL A 161 -20.68 3.26 8.56
N VAL A 162 -20.89 2.17 9.30
CA VAL A 162 -20.04 1.00 9.16
C VAL A 162 -20.35 0.32 7.83
N THR A 163 -19.34 0.22 6.96
CA THR A 163 -19.49 -0.21 5.58
C THR A 163 -18.85 -1.56 5.23
N GLU A 164 -17.89 -2.06 6.01
CA GLU A 164 -17.39 -3.40 5.80
C GLU A 164 -16.77 -3.85 7.11
N VAL A 165 -17.05 -5.08 7.50
CA VAL A 165 -16.78 -5.56 8.86
C VAL A 165 -16.11 -6.92 8.75
N LEU A 166 -15.28 -7.28 9.76
CA LEU A 166 -14.53 -8.55 9.75
C LEU A 166 -14.84 -9.32 11.03
N GLN A 167 -15.71 -10.34 10.93
CA GLN A 167 -16.21 -11.10 12.06
C GLN A 167 -15.75 -12.56 12.02
N THR A 168 -16.04 -13.31 13.09
CA THR A 168 -15.60 -14.69 13.25
C THR A 168 -16.72 -15.66 12.86
N LYS A 169 -16.30 -16.87 12.40
CA LYS A 169 -17.17 -17.98 11.99
C LYS A 169 -17.20 -19.12 13.00
N GLU A 170 -16.09 -19.33 13.70
CA GLU A 170 -15.89 -20.49 14.54
C GLU A 170 -16.03 -20.00 15.98
N GLU A 171 -16.61 -20.82 16.83
CA GLU A 171 -16.58 -20.49 18.25
C GLU A 171 -15.21 -20.89 18.78
N VAL A 172 -14.36 -19.90 19.04
CA VAL A 172 -12.95 -20.14 19.32
C VAL A 172 -12.65 -19.98 20.80
N GLN A 173 -11.73 -20.81 21.30
CA GLN A 173 -11.33 -20.81 22.72
C GLN A 173 -9.83 -20.67 22.80
N ILE A 174 -9.37 -19.50 23.24
CA ILE A 174 -7.96 -19.12 23.14
C ILE A 174 -7.42 -18.78 24.51
N THR A 175 -6.15 -19.15 24.74
CA THR A 175 -5.40 -18.80 25.94
C THR A 175 -4.17 -17.97 25.57
N LYS A 206 -5.25 -16.74 30.92
CA LYS A 206 -6.66 -17.07 31.08
C LYS A 206 -7.24 -17.55 29.77
N MET A 207 -8.13 -18.54 29.87
CA MET A 207 -8.88 -19.01 28.73
C MET A 207 -10.03 -18.04 28.44
N VAL A 208 -10.32 -17.83 27.16
CA VAL A 208 -11.48 -17.04 26.77
C VAL A 208 -12.14 -17.70 25.58
N THR A 209 -13.45 -17.50 25.46
CA THR A 209 -14.23 -18.02 24.35
C THR A 209 -14.77 -16.85 23.55
N ILE A 210 -14.79 -17.01 22.23
CA ILE A 210 -15.23 -15.96 21.34
C ILE A 210 -16.27 -16.59 20.40
N PRO A 211 -17.52 -16.11 20.44
CA PRO A 211 -18.59 -16.81 19.74
C PRO A 211 -18.61 -16.46 18.25
N ALA A 212 -19.38 -17.26 17.53
CA ALA A 212 -19.40 -17.15 16.08
C ALA A 212 -20.11 -15.87 15.68
N GLY A 213 -19.45 -15.08 14.84
CA GLY A 213 -19.94 -13.80 14.39
C GLY A 213 -19.38 -12.61 15.12
N SER A 214 -18.56 -12.84 16.14
CA SER A 214 -18.01 -11.73 16.89
C SER A 214 -17.13 -10.85 16.00
N ILE A 215 -17.38 -9.56 15.99
CA ILE A 215 -16.66 -8.68 15.08
C ILE A 215 -15.33 -8.25 15.65
N LEU A 216 -14.31 -8.27 14.80
CA LEU A 216 -12.93 -7.93 15.17
C LEU A 216 -12.38 -6.65 14.57
N ALA A 217 -12.95 -6.17 13.46
CA ALA A 217 -12.57 -4.88 12.91
C ALA A 217 -13.65 -4.45 11.94
N PHE A 218 -13.52 -3.23 11.44
CA PHE A 218 -14.56 -2.68 10.60
C PHE A 218 -13.98 -1.54 9.78
N ARG A 219 -14.60 -1.31 8.64
CA ARG A 219 -14.31 -0.14 7.84
C ARG A 219 -15.54 0.78 7.87
N VAL A 220 -15.29 2.07 8.01
CA VAL A 220 -16.35 3.04 8.17
C VAL A 220 -16.45 3.85 6.90
N ALA A 221 -17.51 4.65 6.80
CA ALA A 221 -17.71 5.57 5.68
C ALA A 221 -18.37 6.82 6.23
N GLN A 222 -17.63 7.93 6.25
CA GLN A 222 -18.20 9.20 6.67
C GLN A 222 -19.29 9.59 5.70
N LEU A 223 -20.43 10.06 6.23
CA LEU A 223 -21.50 10.60 5.40
C LEU A 223 -21.81 11.98 5.91
N LEU A 224 -22.09 12.89 4.97
CA LEU A 224 -22.40 14.28 5.29
C LEU A 224 -23.87 14.57 5.04
N ILE A 225 -24.40 15.54 5.78
CA ILE A 225 -25.83 15.82 5.82
C ILE A 225 -26.14 17.22 5.33
N GLY A 226 -27.43 17.53 5.22
CA GLY A 226 -27.92 18.76 4.65
C GLY A 226 -29.10 18.51 3.71
N SER A 227 -29.00 18.95 2.45
CA SER A 227 -30.08 18.72 1.48
C SER A 227 -30.10 17.28 0.96
N LYS A 228 -28.94 16.67 0.83
CA LYS A 228 -28.82 15.30 0.34
C LYS A 228 -27.86 14.54 1.23
N TRP A 229 -28.18 13.27 1.46
CA TRP A 229 -27.31 12.38 2.20
C TRP A 229 -26.61 11.46 1.21
N ASP A 230 -25.30 11.25 1.42
CA ASP A 230 -24.46 10.37 0.62
C ASP A 230 -23.30 9.90 1.49
N ILE A 231 -22.67 8.83 1.06
CA ILE A 231 -21.61 8.16 1.80
C ILE A 231 -20.26 8.56 1.22
N LEU A 232 -19.24 8.67 2.08
CA LEU A 232 -17.87 8.92 1.64
C LEU A 232 -17.14 7.60 1.79
N LEU A 233 -17.05 6.83 0.71
CA LEU A 233 -16.19 5.67 0.72
C LEU A 233 -14.71 6.06 0.70
N VAL A 234 -14.39 7.22 0.11
CA VAL A 234 -13.03 7.75 0.02
C VAL A 234 -12.80 8.75 1.15
N SER A 235 -11.96 8.40 2.12
CA SER A 235 -11.88 9.13 3.39
C SER A 235 -11.23 10.51 3.23
N ASP A 236 -12.06 11.50 2.85
CA ASP A 236 -11.67 12.93 2.81
C ASP A 236 -11.69 13.50 4.22
N GLU A 237 -10.51 13.67 4.82
CA GLU A 237 -10.35 14.17 6.18
C GLU A 237 -10.71 15.64 6.32
N LYS A 238 -11.07 16.31 5.23
CA LYS A 238 -11.38 17.73 5.28
C LYS A 238 -12.87 18.01 5.34
N GLN A 239 -13.68 17.31 4.55
CA GLN A 239 -15.11 17.59 4.52
C GLN A 239 -15.77 17.13 5.82
N ARG A 240 -16.49 18.06 6.45
CA ARG A 240 -17.22 17.89 7.70
C ARG A 240 -18.67 17.44 7.41
N THR A 241 -19.28 16.77 8.37
CA THR A 241 -20.58 16.15 8.13
C THR A 241 -21.69 17.18 7.96
N PHE A 242 -21.80 18.13 8.88
CA PHE A 242 -22.90 19.05 8.84
C PHE A 242 -22.51 20.35 8.13
N ASP A 289 3.15 15.71 6.35
CA ASP A 289 4.56 15.79 6.73
C ASP A 289 4.71 16.26 8.18
N PHE A 290 5.90 16.15 8.77
CA PHE A 290 6.11 16.61 10.14
C PHE A 290 6.19 18.13 10.24
N GLN A 291 6.58 18.79 9.15
CA GLN A 291 6.68 20.24 9.19
C GLN A 291 5.36 20.83 9.65
N GLY A 292 4.27 20.39 9.03
CA GLY A 292 2.93 20.78 9.45
C GLY A 292 2.57 20.32 10.85
N LEU A 293 3.12 19.18 11.31
CA LEU A 293 2.81 18.74 12.66
C LEU A 293 3.37 19.71 13.68
N TYR A 294 4.65 20.02 13.56
CA TYR A 294 5.21 21.02 14.45
C TYR A 294 4.52 22.35 14.26
N ALA A 295 4.12 22.66 13.02
CA ALA A 295 3.39 23.90 12.77
C ALA A 295 2.06 23.93 13.54
N GLU A 296 1.32 22.81 13.56
CA GLU A 296 0.09 22.76 14.34
C GLU A 296 0.34 22.93 15.83
N VAL A 297 1.18 22.06 16.41
CA VAL A 297 1.29 22.03 17.85
C VAL A 297 2.08 23.25 18.38
N LYS A 298 2.90 23.90 17.55
CA LYS A 298 3.53 25.17 17.95
C LYS A 298 2.63 26.38 17.79
N ALA A 299 1.80 26.39 16.73
CA ALA A 299 0.80 27.45 16.64
C ALA A 299 -0.15 27.40 17.83
N CYS A 300 -0.46 26.17 18.29
CA CYS A 300 -1.31 26.00 19.46
C CYS A 300 -0.61 26.48 20.73
N SER A 301 0.64 26.05 20.93
CA SER A 301 1.37 26.41 22.15
C SER A 301 1.67 27.90 22.22
N SER A 302 1.37 28.64 21.14
CA SER A 302 1.51 30.09 21.16
C SER A 302 0.42 30.71 22.02
N GLU A 303 -0.82 30.28 21.81
CA GLU A 303 -1.91 30.91 22.52
C GLU A 303 -1.92 30.55 23.99
N LEU A 304 -1.10 29.56 24.41
CA LEU A 304 -0.92 29.23 25.81
C LEU A 304 0.23 30.00 26.47
N GLU A 305 1.19 30.50 25.68
CA GLU A 305 2.33 31.23 26.21
C GLU A 305 2.00 32.69 26.49
N SER A 306 0.71 32.98 26.53
CA SER A 306 0.17 34.32 26.79
C SER A 306 -0.85 34.27 27.92
N LEU A 307 -0.69 33.28 28.80
CA LEU A 307 -1.62 33.09 29.91
C LEU A 307 -0.93 33.38 31.23
N GLU A 308 -1.74 33.70 32.23
CA GLU A 308 -1.20 34.03 33.54
C GLU A 308 -0.61 32.78 34.18
N MET A 309 0.32 33.01 35.10
CA MET A 309 1.16 31.93 35.61
C MET A 309 0.34 30.92 36.40
N GLU A 310 -0.31 31.34 37.47
CA GLU A 310 -1.09 30.38 38.27
C GLU A 310 -2.40 29.98 37.59
N LEU A 311 -2.83 30.70 36.55
CA LEU A 311 -3.82 30.15 35.63
C LEU A 311 -3.36 28.82 35.06
N ARG A 312 -2.09 28.80 34.58
CA ARG A 312 -1.50 27.62 33.97
C ARG A 312 -1.43 26.49 34.97
N GLN A 313 -0.81 26.73 36.12
CA GLN A 313 -0.54 25.62 37.02
C GLN A 313 -1.84 25.04 37.56
N GLN A 314 -2.89 25.86 37.66
CA GLN A 314 -4.19 25.32 38.06
C GLN A 314 -4.76 24.38 37.01
N ILE A 315 -4.65 24.75 35.73
CA ILE A 315 -5.17 23.85 34.70
C ILE A 315 -4.38 22.55 34.66
N LEU A 316 -3.05 22.64 34.84
CA LEU A 316 -2.21 21.44 34.85
C LEU A 316 -2.68 20.47 35.93
N VAL A 317 -2.75 20.94 37.17
CA VAL A 317 -3.09 20.03 38.26
C VAL A 317 -4.52 19.54 38.10
N ASN A 318 -5.43 20.40 37.62
CA ASN A 318 -6.78 19.92 37.35
C ASN A 318 -6.80 18.93 36.19
N ILE A 319 -5.96 19.13 35.18
CA ILE A 319 -5.86 18.14 34.10
C ILE A 319 -5.22 16.86 34.64
N GLY A 320 -4.17 17.00 35.43
CA GLY A 320 -3.62 15.84 36.11
C GLY A 320 -4.64 15.14 37.00
N LYS A 321 -5.65 15.88 37.48
CA LYS A 321 -6.73 15.24 38.22
C LYS A 321 -7.65 14.44 37.31
N ILE A 322 -8.17 15.05 36.24
CA ILE A 322 -9.04 14.29 35.34
C ILE A 322 -8.28 13.33 34.46
N LEU A 323 -6.95 13.26 34.65
CA LEU A 323 -6.11 12.28 33.91
C LEU A 323 -6.44 10.89 34.45
N GLN A 324 -6.92 10.82 35.70
CA GLN A 324 -7.30 9.57 36.36
C GLN A 324 -8.80 9.25 36.20
N ASP A 325 -9.53 10.01 35.38
CA ASP A 325 -10.96 9.79 35.25
C ASP A 325 -11.37 10.29 33.87
N GLN A 326 -11.58 9.38 32.95
CA GLN A 326 -11.95 9.85 31.63
C GLN A 326 -13.33 10.52 31.57
N PRO A 327 -14.38 9.97 32.20
CA PRO A 327 -15.72 10.57 32.02
C PRO A 327 -15.73 12.05 32.26
N SER A 328 -14.94 12.55 33.21
CA SER A 328 -14.77 13.99 33.36
C SER A 328 -14.29 14.59 32.05
N MET A 329 -13.23 14.01 31.45
CA MET A 329 -12.66 14.52 30.21
C MET A 329 -13.69 14.49 29.08
N GLU A 330 -14.45 13.39 28.97
CA GLU A 330 -15.41 13.27 27.88
C GLU A 330 -16.44 14.38 27.96
N ALA A 331 -17.00 14.60 29.15
CA ALA A 331 -17.90 15.72 29.37
C ALA A 331 -17.21 17.05 29.16
N LEU A 332 -15.97 17.18 29.62
CA LEU A 332 -15.24 18.41 29.37
C LEU A 332 -15.09 18.63 27.86
N GLU A 333 -14.54 17.63 27.16
CA GLU A 333 -14.41 17.72 25.71
C GLU A 333 -15.76 18.01 25.06
N ALA A 334 -16.85 17.55 25.70
CA ALA A 334 -18.20 17.81 25.20
C ALA A 334 -18.63 19.27 25.35
N SER A 335 -18.49 19.84 26.55
CA SER A 335 -18.91 21.22 26.77
C SER A 335 -18.19 22.16 25.84
N LEU A 336 -16.87 21.93 25.72
CA LEU A 336 -15.99 22.73 24.84
C LEU A 336 -16.50 22.67 23.40
N GLY A 337 -16.81 21.48 22.89
CA GLY A 337 -17.29 21.39 21.53
C GLY A 337 -18.66 22.00 21.32
N GLN A 338 -19.55 21.86 22.32
CA GLN A 338 -20.88 22.46 22.21
C GLN A 338 -20.80 23.98 22.18
N GLY A 339 -20.10 24.58 23.15
CA GLY A 339 -20.05 26.03 23.22
C GLY A 339 -19.29 26.68 22.10
N LEU A 340 -18.41 25.95 21.40
CA LEU A 340 -17.44 26.61 20.51
C LEU A 340 -18.02 26.90 19.12
N CYS A 341 -18.33 25.87 18.34
CA CYS A 341 -18.79 26.10 16.98
C CYS A 341 -20.27 26.38 16.92
N SER A 342 -20.87 26.73 18.06
CA SER A 342 -22.25 27.23 18.14
C SER A 342 -22.42 28.50 18.96
N GLY A 343 -21.45 28.87 19.81
CA GLY A 343 -21.61 30.06 20.64
C GLY A 343 -22.52 29.76 21.82
N GLY A 344 -23.03 30.83 22.43
CA GLY A 344 -23.95 30.65 23.54
C GLY A 344 -23.26 30.25 24.84
N GLN A 345 -24.09 29.94 25.83
CA GLN A 345 -23.64 29.76 27.20
C GLN A 345 -23.45 28.29 27.50
N VAL A 346 -22.39 27.97 28.23
CA VAL A 346 -22.06 26.59 28.63
C VAL A 346 -22.54 26.38 30.05
N GLU A 347 -23.06 25.20 30.33
CA GLU A 347 -23.54 24.91 31.69
C GLU A 347 -22.35 24.57 32.58
N PRO A 348 -22.27 25.15 33.77
CA PRO A 348 -21.13 24.86 34.65
C PRO A 348 -21.02 23.37 34.97
N LEU A 349 -19.80 22.93 35.27
CA LEU A 349 -19.52 21.52 35.55
C LEU A 349 -18.85 21.36 36.91
N ASP A 350 -18.91 20.13 37.43
CA ASP A 350 -18.40 19.78 38.74
C ASP A 350 -16.99 19.20 38.62
N GLY A 351 -16.38 18.89 39.75
CA GLY A 351 -15.08 18.27 39.75
C GLY A 351 -14.05 19.12 39.05
N PRO A 352 -12.86 18.53 38.84
CA PRO A 352 -11.81 19.21 38.08
C PRO A 352 -12.16 19.44 36.63
N ALA A 353 -13.14 18.71 36.09
CA ALA A 353 -13.74 19.10 34.82
C ALA A 353 -14.32 20.49 34.92
N GLY A 354 -15.00 20.76 36.04
CA GLY A 354 -15.56 22.09 36.27
C GLY A 354 -14.55 23.16 36.61
N CYS A 355 -13.51 22.81 37.36
CA CYS A 355 -12.53 23.82 37.74
C CYS A 355 -11.77 24.36 36.52
N ILE A 356 -11.59 23.55 35.48
CA ILE A 356 -11.05 24.08 34.23
C ILE A 356 -12.12 24.84 33.47
N LEU A 357 -13.36 24.34 33.47
CA LEU A 357 -14.42 25.00 32.73
C LEU A 357 -14.56 26.43 33.21
N GLU A 358 -14.50 26.62 34.53
CA GLU A 358 -14.59 27.95 35.12
C GLU A 358 -13.44 28.86 34.69
N CYS A 359 -12.38 28.33 34.09
CA CYS A 359 -11.35 29.23 33.55
C CYS A 359 -11.67 29.74 32.15
N LEU A 360 -12.72 29.23 31.49
CA LEU A 360 -13.05 29.63 30.12
C LEU A 360 -14.39 30.37 29.93
N VAL A 361 -15.33 30.27 30.89
CA VAL A 361 -16.56 31.07 30.84
C VAL A 361 -16.25 32.48 31.38
N LEU A 362 -16.79 33.50 30.71
CA LEU A 362 -16.46 34.87 31.12
C LEU A 362 -16.94 35.25 32.51
N ASP A 363 -18.24 35.48 32.65
CA ASP A 363 -18.90 35.68 33.94
C ASP A 363 -20.30 35.14 33.79
N SER A 364 -20.58 34.79 32.54
CA SER A 364 -21.93 34.55 32.10
C SER A 364 -22.17 33.11 31.70
N GLY A 365 -21.12 32.39 31.33
CA GLY A 365 -21.23 31.06 30.78
C GLY A 365 -20.77 31.00 29.33
N GLU A 366 -20.40 32.14 28.74
CA GLU A 366 -19.95 32.17 27.36
C GLU A 366 -18.44 32.04 27.39
N LEU A 367 -17.92 31.25 26.46
CA LEU A 367 -16.48 30.96 26.42
C LEU A 367 -15.70 32.04 25.70
N VAL A 368 -14.40 32.02 25.98
CA VAL A 368 -13.44 32.88 25.29
C VAL A 368 -12.78 32.01 24.21
N PRO A 369 -13.09 32.22 22.93
CA PRO A 369 -12.48 31.35 21.89
C PRO A 369 -10.95 31.34 21.88
N GLU A 370 -10.31 32.53 21.89
CA GLU A 370 -8.84 32.61 21.92
C GLU A 370 -8.22 31.87 23.12
N LEU A 371 -9.02 31.52 24.12
CA LEU A 371 -8.56 30.86 25.34
C LEU A 371 -9.15 29.47 25.55
N ALA A 372 -10.13 29.04 24.76
CA ALA A 372 -10.73 27.73 25.00
C ALA A 372 -10.59 26.75 23.86
N ALA A 373 -10.49 27.21 22.60
CA ALA A 373 -10.24 26.27 21.52
C ALA A 373 -8.92 25.53 21.73
N PRO A 374 -7.83 26.16 22.17
CA PRO A 374 -6.62 25.40 22.42
C PRO A 374 -6.78 24.31 23.46
N ILE A 375 -7.53 24.56 24.54
CA ILE A 375 -7.75 23.45 25.45
C ILE A 375 -8.69 22.43 24.85
N PHE A 376 -9.58 22.85 23.95
CA PHE A 376 -10.30 21.83 23.20
C PHE A 376 -9.32 20.96 22.43
N TYR A 377 -8.30 21.59 21.83
CA TYR A 377 -7.27 20.87 21.09
C TYR A 377 -6.51 19.90 21.97
N LEU A 378 -5.94 20.40 23.06
CA LEU A 378 -5.14 19.55 23.90
C LEU A 378 -5.95 18.36 24.38
N LEU A 379 -7.22 18.64 24.70
CA LEU A 379 -8.18 17.60 25.16
C LEU A 379 -8.22 16.48 24.13
N GLY A 380 -8.38 16.83 22.84
CA GLY A 380 -8.40 15.79 21.80
C GLY A 380 -7.11 14.99 21.75
N ALA A 381 -5.98 15.68 21.87
CA ALA A 381 -4.71 14.98 21.93
C ALA A 381 -4.63 14.05 23.12
N LEU A 382 -5.45 14.24 24.13
CA LEU A 382 -5.45 13.26 25.20
C LEU A 382 -6.52 12.21 25.01
N ALA A 383 -7.44 12.46 24.08
CA ALA A 383 -8.55 11.52 23.85
C ALA A 383 -8.06 10.20 23.37
N VAL A 384 -7.01 10.24 22.54
CA VAL A 384 -6.50 9.07 21.82
C VAL A 384 -5.60 8.19 22.69
N LEU A 385 -5.11 8.69 23.82
CA LEU A 385 -4.14 7.95 24.62
C LEU A 385 -4.77 6.72 25.29
N SER A 386 -3.89 5.76 25.62
CA SER A 386 -4.27 4.57 26.35
C SER A 386 -4.51 4.88 27.82
N GLU A 387 -5.33 4.04 28.47
CA GLU A 387 -5.64 4.29 29.87
C GLU A 387 -4.37 4.22 30.72
N THR A 388 -3.60 3.14 30.59
CA THR A 388 -2.33 3.04 31.31
C THR A 388 -1.40 4.18 30.91
N GLN A 389 -1.45 4.57 29.64
CA GLN A 389 -0.61 5.64 29.13
C GLN A 389 -0.94 6.99 29.77
N GLN A 390 -2.21 7.40 29.74
CA GLN A 390 -2.57 8.69 30.29
C GLN A 390 -2.35 8.71 31.80
N GLN A 391 -2.53 7.57 32.46
CA GLN A 391 -2.26 7.51 33.89
C GLN A 391 -0.79 7.85 34.19
N LEU A 392 0.15 7.20 33.50
CA LEU A 392 1.57 7.43 33.78
C LEU A 392 1.97 8.85 33.45
N LEU A 393 1.32 9.43 32.45
CA LEU A 393 1.55 10.83 32.11
C LEU A 393 1.12 11.77 33.23
N ALA A 394 0.10 11.39 34.01
CA ALA A 394 -0.42 12.29 35.05
C ALA A 394 0.64 12.65 36.09
N LYS A 395 1.51 11.71 36.47
CA LYS A 395 2.49 11.96 37.55
C LYS A 395 3.66 12.84 37.11
N ALA A 396 3.92 12.92 35.82
CA ALA A 396 5.02 13.72 35.28
C ALA A 396 4.64 15.17 34.93
N LEU A 397 3.41 15.59 35.20
CA LEU A 397 3.03 16.95 34.81
C LEU A 397 3.81 17.99 35.60
N GLU A 398 3.97 17.75 36.90
CA GLU A 398 4.58 18.65 37.86
C GLU A 398 6.10 18.65 37.77
N THR A 399 6.66 17.92 36.81
CA THR A 399 8.09 17.90 36.61
C THR A 399 8.39 18.38 35.19
N THR A 400 9.68 18.56 34.93
CA THR A 400 10.17 18.89 33.61
C THR A 400 10.43 17.67 32.75
N VAL A 401 10.20 16.47 33.28
CA VAL A 401 10.54 15.29 32.49
C VAL A 401 9.37 15.18 31.56
N LEU A 402 9.28 16.12 30.64
CA LEU A 402 8.35 16.08 29.54
C LEU A 402 9.15 16.49 28.33
N SER A 403 10.07 17.42 28.53
CA SER A 403 10.92 17.90 27.43
C SER A 403 11.69 16.76 26.80
N LYS A 404 12.26 15.87 27.64
CA LYS A 404 12.90 14.65 27.15
C LYS A 404 11.93 13.76 26.39
N GLN A 405 10.81 13.39 27.05
CA GLN A 405 9.72 12.65 26.40
C GLN A 405 9.29 13.32 25.10
N LEU A 406 9.05 14.63 25.15
CA LEU A 406 8.82 15.39 23.93
C LEU A 406 9.96 15.18 22.95
N GLU A 407 11.19 15.44 23.40
CA GLU A 407 12.34 15.34 22.50
C GLU A 407 12.55 13.95 21.93
N LEU A 408 12.37 12.89 22.74
CA LEU A 408 12.42 11.53 22.19
C LEU A 408 11.33 11.31 21.16
N VAL A 409 10.08 11.61 21.51
CA VAL A 409 8.98 11.39 20.56
C VAL A 409 9.17 12.26 19.32
N LYS A 410 9.63 13.51 19.51
CA LYS A 410 10.02 14.33 18.35
C LYS A 410 10.98 13.57 17.45
N HIS A 411 11.92 12.85 18.07
CA HIS A 411 12.84 12.03 17.30
C HIS A 411 12.08 10.96 16.52
N VAL A 412 11.30 10.14 17.21
CA VAL A 412 10.67 8.99 16.57
C VAL A 412 9.83 9.42 15.37
N LEU A 413 9.31 10.63 15.39
CA LEU A 413 8.53 11.09 14.24
C LEU A 413 9.34 11.88 13.23
N GLU A 414 10.46 12.47 13.63
CA GLU A 414 11.35 13.14 12.68
C GLU A 414 12.26 12.17 11.91
N GLN A 415 12.47 10.96 12.44
CA GLN A 415 13.25 9.93 11.78
C GLN A 415 12.40 8.85 11.11
N SER A 416 11.10 8.82 11.34
CA SER A 416 10.24 7.88 10.66
C SER A 416 9.68 8.40 9.31
N THR A 417 9.99 9.65 8.91
CA THR A 417 9.53 10.15 7.61
C THR A 417 10.33 9.46 6.48
N PRO A 418 9.65 9.01 5.39
CA PRO A 418 8.19 9.15 5.17
C PRO A 418 7.34 8.21 6.03
N TRP A 419 6.11 8.62 6.35
CA TRP A 419 5.31 7.90 7.35
C TRP A 419 4.47 6.77 6.77
N GLN A 420 4.88 6.22 5.64
CA GLN A 420 4.13 5.08 5.10
C GLN A 420 4.88 3.78 5.28
N GLU A 421 6.23 3.82 5.28
CA GLU A 421 7.05 2.62 5.29
C GLU A 421 7.42 2.23 6.71
N GLN A 422 7.34 0.94 7.00
CA GLN A 422 7.61 0.37 8.31
C GLN A 422 9.12 0.49 8.59
N SER A 423 9.53 1.56 9.26
CA SER A 423 10.92 1.94 9.41
C SER A 423 11.42 1.55 10.79
N SER A 424 12.64 1.98 11.14
CA SER A 424 13.22 1.81 12.46
C SER A 424 14.02 3.05 12.83
N VAL A 425 14.04 3.37 14.11
CA VAL A 425 14.71 4.56 14.62
C VAL A 425 15.53 4.18 15.83
N SER A 426 16.71 4.78 15.96
CA SER A 426 17.48 4.71 17.18
C SER A 426 17.25 5.99 17.96
N LEU A 427 17.29 5.87 19.29
CA LEU A 427 16.95 6.96 20.20
C LEU A 427 18.09 7.22 21.17
N PRO A 428 18.28 8.45 21.57
CA PRO A 428 19.32 8.74 22.57
C PRO A 428 18.99 8.25 23.97
N THR A 429 19.32 6.98 24.27
CA THR A 429 19.09 6.42 25.60
C THR A 429 19.72 7.32 26.66
N VAL A 430 20.84 7.94 26.30
CA VAL A 430 21.61 8.83 27.16
C VAL A 430 20.79 9.99 27.68
N LEU A 431 19.75 10.39 26.93
CA LEU A 431 18.96 11.57 27.31
C LEU A 431 18.05 11.33 28.51
N LEU A 432 17.52 10.11 28.67
CA LEU A 432 16.54 9.85 29.72
C LEU A 432 17.10 9.86 31.13
N GLY A 433 18.42 9.85 31.30
CA GLY A 433 19.00 9.86 32.63
C GLY A 433 18.96 8.52 33.33
N ASP A 434 17.79 7.86 33.28
CA ASP A 434 17.52 6.59 33.96
C ASP A 434 17.77 5.41 33.02
N CYS A 435 18.09 4.25 33.63
CA CYS A 435 18.29 3.02 32.88
C CYS A 435 17.08 2.71 32.01
N TRP A 436 17.31 2.61 30.70
CA TRP A 436 16.24 2.40 29.74
C TRP A 436 15.93 0.90 29.57
N ASP A 437 14.69 0.54 29.86
CA ASP A 437 14.29 -0.86 29.96
C ASP A 437 12.75 -0.93 29.94
N GLU A 438 12.23 -2.14 30.21
CA GLU A 438 10.79 -2.41 30.16
C GLU A 438 10.01 -1.64 31.21
N LYS A 439 10.70 -1.11 32.22
CA LYS A 439 10.07 -0.40 33.34
C LYS A 439 10.42 1.08 33.36
N ASN A 440 10.97 1.57 32.30
CA ASN A 440 11.22 2.96 32.01
C ASN A 440 9.91 3.64 31.63
N PRO A 441 9.68 4.90 32.03
CA PRO A 441 8.46 5.57 31.58
C PRO A 441 8.31 5.62 30.06
N THR A 442 9.30 6.23 29.38
CA THR A 442 9.23 6.49 27.95
C THR A 442 9.12 5.20 27.14
N TRP A 443 9.61 4.09 27.68
CA TRP A 443 9.39 2.79 27.03
C TRP A 443 7.90 2.47 26.90
N VAL A 444 7.16 2.58 28.00
CA VAL A 444 5.73 2.22 28.04
C VAL A 444 4.87 3.24 27.30
N LEU A 445 5.25 4.53 27.37
CA LEU A 445 4.54 5.56 26.63
C LEU A 445 4.50 5.22 25.16
N LEU A 446 5.62 4.68 24.68
CA LEU A 446 5.79 4.29 23.25
C LEU A 446 5.24 2.88 23.04
N GLU A 447 5.27 2.02 24.07
CA GLU A 447 4.77 0.67 23.87
C GLU A 447 3.24 0.65 23.83
N GLU A 448 2.59 1.31 24.81
CA GLU A 448 1.13 1.54 24.75
C GLU A 448 0.74 2.43 23.58
N CYS A 449 1.71 3.09 22.94
CA CYS A 449 1.54 3.84 21.72
C CYS A 449 1.50 2.97 20.47
N GLY A 450 1.64 1.65 20.60
CA GLY A 450 1.54 0.74 19.47
C GLY A 450 2.84 0.29 18.83
N LEU A 451 3.99 0.62 19.42
CA LEU A 451 5.30 0.29 18.89
C LEU A 451 6.00 -0.76 19.75
N ARG A 452 6.81 -1.61 19.13
CA ARG A 452 7.59 -2.56 19.89
C ARG A 452 9.05 -2.12 19.91
N LEU A 453 9.64 -2.13 21.10
CA LEU A 453 10.93 -1.55 21.35
C LEU A 453 11.88 -2.64 21.79
N GLN A 454 13.17 -2.30 21.79
CA GLN A 454 14.23 -3.17 22.28
C GLN A 454 15.35 -2.29 22.78
N VAL A 455 16.26 -2.91 23.55
CA VAL A 455 17.41 -2.19 24.09
C VAL A 455 18.51 -1.98 23.05
N GLU A 456 18.82 -3.01 22.25
CA GLU A 456 19.87 -2.88 21.26
C GLU A 456 19.44 -1.88 20.18
N SER A 457 20.38 -1.09 19.69
CA SER A 457 20.04 -0.16 18.63
C SER A 457 19.86 -0.94 17.32
N PRO A 458 18.88 -0.54 16.47
CA PRO A 458 17.82 0.46 16.63
C PRO A 458 16.79 0.04 17.69
N GLN A 459 16.42 1.01 18.54
CA GLN A 459 15.65 0.74 19.76
C GLN A 459 14.15 0.56 19.51
N VAL A 460 13.57 1.29 18.56
CA VAL A 460 12.14 1.28 18.33
C VAL A 460 11.84 0.79 16.92
N HIS A 461 10.71 0.12 16.78
CA HIS A 461 10.21 -0.27 15.47
C HIS A 461 8.90 0.46 15.18
N TRP A 462 8.97 1.51 14.33
CA TRP A 462 7.85 2.38 14.00
C TRP A 462 7.02 1.80 12.85
N GLU A 463 5.70 1.67 13.07
CA GLU A 463 4.71 1.19 12.10
C GLU A 463 3.77 2.31 11.67
N PRO A 464 3.12 2.19 10.51
CA PRO A 464 2.10 3.19 10.14
C PRO A 464 0.90 3.21 11.08
N THR A 465 0.59 2.07 11.70
CA THR A 465 -0.56 2.01 12.59
C THR A 465 -0.45 3.02 13.73
N SER A 466 0.76 3.37 14.13
CA SER A 466 1.00 4.24 15.26
C SER A 466 1.35 5.66 14.87
N LEU A 467 1.14 6.07 13.62
CA LEU A 467 1.28 7.49 13.32
C LEU A 467 0.21 8.30 14.06
N ILE A 468 -1.04 7.83 14.09
CA ILE A 468 -2.11 8.57 14.74
C ILE A 468 -1.81 8.67 16.24
N PRO A 469 -1.64 7.56 16.98
CA PRO A 469 -1.38 7.73 18.44
C PRO A 469 -0.11 8.49 18.74
N THR A 470 1.04 8.08 18.19
CA THR A 470 2.29 8.82 18.46
C THR A 470 2.12 10.31 18.17
N SER A 471 1.40 10.64 17.10
CA SER A 471 1.14 12.03 16.78
C SER A 471 0.74 12.81 18.01
N ALA A 472 -0.34 12.37 18.67
CA ALA A 472 -0.87 13.07 19.82
C ALA A 472 0.05 13.01 21.03
N LEU A 473 0.73 11.88 21.23
CA LEU A 473 1.68 11.77 22.33
C LEU A 473 2.70 12.90 22.30
N TYR A 474 3.14 13.26 21.09
CA TYR A 474 3.96 14.46 20.95
C TYR A 474 3.18 15.70 21.38
N ALA A 475 2.00 15.93 20.76
CA ALA A 475 1.19 17.10 21.07
C ALA A 475 0.91 17.21 22.57
N SER A 476 0.40 16.14 23.19
CA SER A 476 0.16 16.15 24.62
C SER A 476 1.39 16.65 25.37
N LEU A 477 2.54 16.03 25.10
CA LEU A 477 3.78 16.44 25.75
C LEU A 477 4.21 17.84 25.36
N PHE A 478 3.85 18.27 24.17
CA PHE A 478 4.30 19.59 23.76
C PHE A 478 3.63 20.62 24.64
N LEU A 479 2.29 20.56 24.71
CA LEU A 479 1.50 21.59 25.39
C LEU A 479 1.62 21.48 26.91
N LEU A 480 1.54 20.25 27.45
CA LEU A 480 1.70 20.11 28.89
C LEU A 480 3.05 20.65 29.33
N SER A 481 4.11 20.35 28.58
CA SER A 481 5.39 20.98 28.84
C SER A 481 5.33 22.48 28.57
N SER A 482 4.48 22.91 27.65
CA SER A 482 4.40 24.33 27.38
C SER A 482 3.81 25.11 28.55
N LEU A 483 3.15 24.43 29.48
CA LEU A 483 2.61 25.05 30.69
C LEU A 483 3.55 24.69 31.83
N GLY A 484 4.35 25.64 32.27
CA GLY A 484 5.22 25.35 33.38
C GLY A 484 6.52 26.10 33.24
N GLN A 485 6.65 26.82 32.13
CA GLN A 485 7.83 27.63 31.84
C GLN A 485 7.66 29.07 32.37
N PHE B 6 -6.20 -6.64 -21.53
CA PHE B 6 -6.96 -7.43 -20.55
C PHE B 6 -6.12 -7.66 -19.29
N GLU B 7 -4.87 -7.20 -19.31
CA GLU B 7 -4.14 -7.20 -18.04
C GLU B 7 -4.76 -6.22 -17.05
N LYS B 8 -5.61 -5.32 -17.54
CA LYS B 8 -6.27 -4.39 -16.64
C LYS B 8 -7.34 -5.10 -15.82
N VAL B 9 -8.16 -5.97 -16.44
CA VAL B 9 -9.27 -6.57 -15.69
C VAL B 9 -8.74 -7.46 -14.56
N VAL B 10 -7.55 -8.04 -14.73
CA VAL B 10 -6.90 -8.72 -13.61
C VAL B 10 -6.32 -7.71 -12.61
N LYS B 11 -5.76 -6.59 -13.12
CA LYS B 11 -5.27 -5.54 -12.23
C LYS B 11 -6.41 -4.96 -11.41
N ASN B 12 -7.61 -4.94 -11.99
CA ASN B 12 -8.81 -4.53 -11.27
C ASN B 12 -9.11 -5.51 -10.14
N VAL B 13 -9.02 -6.82 -10.43
CA VAL B 13 -9.31 -7.82 -9.41
C VAL B 13 -8.29 -7.73 -8.29
N ILE B 14 -7.02 -7.52 -8.63
CA ILE B 14 -6.04 -7.39 -7.55
C ILE B 14 -6.22 -6.05 -6.86
N LYS B 15 -6.71 -5.04 -7.59
CA LYS B 15 -6.95 -3.76 -6.92
C LYS B 15 -8.18 -3.87 -6.05
N GLU B 16 -9.17 -4.65 -6.48
CA GLU B 16 -10.42 -4.73 -5.71
C GLU B 16 -10.16 -5.31 -4.34
N VAL B 17 -9.46 -6.43 -4.27
CA VAL B 17 -9.19 -7.05 -2.99
C VAL B 17 -7.68 -7.12 -2.88
N SER B 18 -7.13 -6.13 -2.20
CA SER B 18 -5.69 -6.04 -1.98
C SER B 18 -5.18 -7.31 -1.34
N GLY B 19 -3.95 -7.70 -1.70
CA GLY B 19 -3.33 -8.91 -1.21
C GLY B 19 -2.48 -8.75 0.04
N SER B 20 -1.25 -9.27 0.01
CA SER B 20 -0.33 -9.17 1.13
C SER B 20 0.61 -7.98 0.92
N ARG B 21 1.67 -7.91 1.73
CA ARG B 21 2.66 -6.85 1.63
C ARG B 21 3.73 -7.26 0.62
N GLY B 22 3.40 -7.13 -0.66
CA GLY B 22 4.38 -7.52 -1.66
C GLY B 22 3.95 -7.22 -3.09
N ASP B 23 4.85 -7.58 -4.01
CA ASP B 23 4.65 -7.41 -5.44
C ASP B 23 3.62 -8.44 -5.89
N LEU B 24 2.51 -7.99 -6.45
CA LEU B 24 1.50 -8.89 -7.01
C LEU B 24 1.58 -8.74 -8.51
N ILE B 25 2.20 -9.72 -9.15
CA ILE B 25 2.45 -9.72 -10.59
C ILE B 25 1.26 -10.39 -11.27
N PRO B 26 0.73 -9.81 -12.35
CA PRO B 26 -0.34 -10.47 -13.12
C PRO B 26 0.15 -11.36 -14.25
N VAL B 27 -0.65 -12.41 -14.54
CA VAL B 27 -0.42 -13.26 -15.70
C VAL B 27 -0.86 -12.53 -16.99
N ASP B 28 -0.34 -13.00 -18.13
CA ASP B 28 -0.66 -12.46 -19.45
C ASP B 28 -1.42 -13.44 -20.35
N SER B 29 -1.00 -14.70 -20.41
CA SER B 29 -1.70 -15.68 -21.23
C SER B 29 -2.44 -16.65 -20.31
N LEU B 30 -3.57 -17.17 -20.80
CA LEU B 30 -4.35 -18.14 -20.04
C LEU B 30 -3.91 -19.58 -20.24
N ARG B 31 -3.26 -19.90 -21.38
CA ARG B 31 -2.73 -21.24 -21.64
C ARG B 31 -1.45 -21.56 -20.87
N ASN B 32 -0.71 -20.54 -20.40
CA ASN B 32 0.53 -20.75 -19.66
C ASN B 32 0.32 -20.81 -18.15
N SER B 33 -0.93 -20.80 -17.68
CA SER B 33 -1.20 -20.79 -16.24
C SER B 33 -0.76 -22.11 -15.62
N THR B 34 -0.72 -23.18 -16.42
CA THR B 34 -0.22 -24.45 -15.93
C THR B 34 1.22 -24.32 -15.47
N SER B 35 1.96 -23.41 -16.10
CA SER B 35 3.38 -23.20 -15.82
C SER B 35 3.60 -22.47 -14.51
N PHE B 36 2.71 -21.51 -14.15
CA PHE B 36 2.85 -20.67 -12.95
C PHE B 36 2.06 -21.20 -11.75
N ARG B 37 2.12 -22.46 -11.37
CA ARG B 37 1.37 -22.99 -10.24
C ARG B 37 2.12 -22.68 -8.95
N PRO B 38 1.55 -22.94 -7.77
CA PRO B 38 2.37 -22.79 -6.57
C PRO B 38 3.55 -23.75 -6.71
N TYR B 39 4.70 -23.37 -6.15
CA TYR B 39 5.96 -24.13 -6.12
C TYR B 39 6.71 -24.15 -7.45
N CYS B 40 6.15 -23.62 -8.55
CA CYS B 40 6.83 -23.70 -9.84
C CYS B 40 8.03 -22.77 -9.81
N LEU B 41 8.83 -22.80 -10.88
CA LEU B 41 10.08 -22.05 -10.95
C LEU B 41 10.10 -21.22 -12.22
N LEU B 42 10.68 -20.01 -12.15
CA LEU B 42 10.78 -19.15 -13.32
C LEU B 42 12.02 -18.26 -13.19
N ASN B 43 12.68 -18.01 -14.34
CA ASN B 43 13.90 -17.23 -14.46
C ASN B 43 13.69 -15.99 -15.32
N ARG B 44 14.45 -14.95 -15.04
CA ARG B 44 14.45 -13.72 -15.83
C ARG B 44 15.91 -13.34 -16.08
N LYS B 45 16.16 -12.62 -17.16
CA LYS B 45 17.54 -12.35 -17.56
C LYS B 45 18.27 -11.54 -16.50
N PHE B 46 19.55 -11.25 -16.75
CA PHE B 46 20.40 -10.64 -15.73
C PHE B 46 19.82 -9.32 -15.20
N SER B 47 19.16 -8.54 -16.06
CA SER B 47 18.65 -7.25 -15.62
C SER B 47 19.85 -6.43 -15.16
N SER B 48 20.62 -5.94 -16.12
CA SER B 48 21.76 -5.09 -15.80
C SER B 48 21.34 -3.66 -15.58
N SER B 49 20.28 -3.43 -14.80
CA SER B 49 19.74 -2.10 -14.57
C SER B 49 19.02 -2.06 -13.22
N ARG B 50 18.79 -0.83 -12.73
CA ARG B 50 18.14 -0.62 -11.44
C ARG B 50 16.66 -0.31 -11.54
N PHE B 51 16.24 0.54 -12.48
CA PHE B 51 14.81 0.85 -12.59
C PHE B 51 14.10 -0.13 -13.51
N TRP B 52 14.38 -1.44 -13.39
CA TRP B 52 13.73 -2.47 -14.19
C TRP B 52 13.47 -3.72 -13.38
N LYS B 53 12.50 -4.49 -13.86
CA LYS B 53 12.17 -5.82 -13.36
C LYS B 53 11.75 -6.56 -14.60
N PRO B 54 12.69 -7.22 -15.29
CA PRO B 54 12.40 -7.68 -16.65
C PRO B 54 11.33 -8.76 -16.63
N ARG B 55 10.86 -9.10 -17.82
CA ARG B 55 9.83 -10.11 -17.93
C ARG B 55 10.31 -11.32 -17.16
N TYR B 56 9.43 -11.89 -16.38
CA TYR B 56 9.70 -13.14 -15.71
C TYR B 56 9.33 -14.21 -16.71
N SER B 57 10.30 -15.00 -17.15
CA SER B 57 10.09 -16.08 -18.11
C SER B 57 10.00 -17.42 -17.38
N CYS B 58 9.12 -18.30 -17.86
CA CYS B 58 8.83 -19.53 -17.13
C CYS B 58 9.76 -20.69 -17.48
N VAL B 59 10.50 -21.17 -16.48
CA VAL B 59 11.08 -22.49 -16.56
C VAL B 59 9.95 -23.49 -16.40
N ASN B 60 9.96 -24.57 -17.18
CA ASN B 60 8.79 -25.45 -17.12
C ASN B 60 8.98 -26.65 -16.19
N LEU B 61 9.63 -26.43 -15.05
CA LEU B 61 9.69 -27.46 -14.01
C LEU B 61 9.46 -26.83 -12.65
N SER B 62 8.96 -27.67 -11.71
CA SER B 62 8.66 -27.35 -10.31
C SER B 62 9.94 -27.36 -9.48
N ILE B 63 9.78 -27.43 -8.16
CA ILE B 63 10.91 -27.39 -7.25
C ILE B 63 11.37 -28.78 -6.81
N LYS B 64 10.51 -29.81 -6.87
CA LYS B 64 10.93 -31.15 -6.47
C LYS B 64 12.03 -31.65 -7.40
N ASP B 65 12.23 -30.94 -8.50
CA ASP B 65 13.12 -31.32 -9.58
C ASP B 65 14.47 -30.66 -9.44
N ILE B 66 14.76 -30.13 -8.27
CA ILE B 66 16.09 -29.66 -7.95
C ILE B 66 16.59 -30.26 -6.63
N LEU B 67 15.67 -30.67 -5.77
CA LEU B 67 16.01 -31.16 -4.45
C LEU B 67 15.92 -32.69 -4.35
N GLU B 68 16.11 -33.19 -3.12
CA GLU B 68 15.88 -34.59 -2.72
C GLU B 68 17.00 -35.54 -3.14
N GLY B 80 -2.65 -31.89 -9.74
CA GLY B 80 -3.54 -31.65 -8.61
C GLY B 80 -2.83 -31.82 -7.28
N SER B 81 -2.04 -32.89 -7.17
CA SER B 81 -1.19 -33.17 -6.02
C SER B 81 0.21 -32.63 -6.26
N PHE B 82 1.13 -32.89 -5.30
CA PHE B 82 2.54 -32.51 -5.42
C PHE B 82 3.42 -33.52 -4.68
N LYS B 83 4.59 -33.87 -5.27
CA LYS B 83 5.61 -34.61 -4.52
C LYS B 83 6.17 -33.76 -3.40
N VAL B 84 6.34 -32.47 -3.67
CA VAL B 84 6.46 -31.51 -2.61
C VAL B 84 5.18 -31.69 -1.81
N SER B 85 5.23 -31.39 -0.51
CA SER B 85 4.16 -31.90 0.33
C SER B 85 2.75 -31.46 -0.04
N ASP B 86 2.42 -30.17 0.14
CA ASP B 86 1.15 -29.63 -0.35
C ASP B 86 0.88 -28.16 -0.02
N VAL B 87 0.12 -27.45 -0.87
CA VAL B 87 -0.54 -26.23 -0.42
C VAL B 87 -1.74 -26.68 0.38
N VAL B 88 -1.77 -26.37 1.67
CA VAL B 88 -2.60 -27.14 2.60
C VAL B 88 -3.93 -26.45 2.90
N ASP B 89 -3.91 -25.13 3.13
CA ASP B 89 -5.13 -24.33 3.35
C ASP B 89 -4.96 -23.01 2.59
N GLY B 90 -5.29 -23.04 1.30
CA GLY B 90 -5.41 -21.81 0.53
C GLY B 90 -6.69 -21.06 0.86
N ASN B 91 -6.55 -19.80 1.34
CA ASN B 91 -7.66 -18.91 1.76
C ASN B 91 -8.61 -18.54 0.61
N ILE B 92 -9.68 -17.80 0.86
CA ILE B 92 -10.67 -17.75 -0.21
C ILE B 92 -11.48 -16.45 -0.26
N GLN B 93 -11.29 -15.69 -1.34
CA GLN B 93 -12.00 -14.40 -1.53
C GLN B 93 -13.46 -14.67 -1.93
N GLY B 94 -14.36 -13.70 -1.68
CA GLY B 94 -15.78 -13.86 -2.02
C GLY B 94 -16.05 -13.58 -3.49
N ARG B 95 -16.37 -12.33 -3.83
CA ARG B 95 -16.66 -11.94 -5.23
C ARG B 95 -15.63 -10.90 -5.70
N VAL B 96 -15.77 -10.42 -6.93
CA VAL B 96 -14.83 -9.40 -7.50
C VAL B 96 -15.46 -8.78 -8.75
N MET B 97 -15.47 -7.46 -8.83
CA MET B 97 -16.03 -6.75 -9.98
C MET B 97 -15.07 -6.85 -11.17
N LEU B 98 -15.63 -7.03 -12.36
CA LEU B 98 -14.93 -7.21 -13.62
C LEU B 98 -15.11 -5.98 -14.49
N SER B 99 -14.35 -5.91 -15.58
CA SER B 99 -14.49 -4.78 -16.50
C SER B 99 -15.25 -5.23 -17.74
N ILE B 106 -21.57 -12.89 -17.50
CA ILE B 106 -20.75 -14.07 -17.20
C ILE B 106 -21.26 -14.75 -15.92
N SER B 107 -21.35 -16.08 -15.94
CA SER B 107 -21.84 -16.82 -14.78
C SER B 107 -21.32 -18.24 -14.83
N GLY B 108 -20.45 -18.60 -13.89
CA GLY B 108 -20.10 -19.99 -13.67
C GLY B 108 -20.94 -20.64 -12.59
N GLY B 109 -22.15 -20.11 -12.34
CA GLY B 109 -23.02 -20.63 -11.30
C GLY B 109 -23.69 -19.56 -10.45
N ALA B 110 -23.46 -18.29 -10.81
CA ALA B 110 -24.12 -17.18 -10.14
C ALA B 110 -25.63 -17.24 -10.36
N ALA B 111 -26.06 -17.66 -11.56
CA ALA B 111 -27.46 -17.84 -11.92
C ALA B 111 -28.24 -16.53 -11.81
N VAL B 112 -27.82 -15.54 -12.61
CA VAL B 112 -28.44 -14.22 -12.64
C VAL B 112 -28.71 -13.83 -14.09
N SER B 113 -29.73 -12.96 -14.29
CA SER B 113 -30.23 -12.54 -15.61
C SER B 113 -29.99 -11.07 -15.94
N ASP B 114 -30.37 -10.14 -15.05
CA ASP B 114 -30.25 -8.70 -15.33
C ASP B 114 -28.97 -8.08 -14.76
N SER B 115 -28.76 -8.19 -13.45
CA SER B 115 -27.59 -7.58 -12.82
C SER B 115 -26.33 -8.38 -13.13
N SER B 116 -25.34 -7.74 -13.73
CA SER B 116 -24.14 -8.45 -14.16
C SER B 116 -22.92 -7.60 -13.83
N SER B 117 -21.79 -7.94 -14.46
CA SER B 117 -20.48 -7.27 -14.36
C SER B 117 -19.72 -7.64 -13.10
N ALA B 118 -20.16 -8.64 -12.36
CA ALA B 118 -19.50 -9.06 -11.13
C ALA B 118 -19.66 -10.57 -10.98
N SER B 119 -19.47 -11.05 -9.75
CA SER B 119 -19.66 -12.45 -9.35
C SER B 119 -18.67 -13.39 -10.05
N MET B 120 -17.40 -13.30 -9.65
CA MET B 120 -16.41 -14.30 -10.05
C MET B 120 -15.69 -14.79 -8.79
N ASN B 121 -15.90 -16.06 -8.42
CA ASN B 121 -15.37 -16.60 -7.16
C ASN B 121 -13.91 -16.97 -7.36
N VAL B 122 -13.04 -16.38 -6.56
CA VAL B 122 -11.61 -16.68 -6.60
C VAL B 122 -11.17 -17.19 -5.22
N CYS B 123 -9.93 -17.69 -5.15
CA CYS B 123 -9.30 -18.05 -3.88
C CYS B 123 -7.82 -17.88 -4.07
N ILE B 124 -7.08 -17.80 -2.97
CA ILE B 124 -5.63 -17.71 -3.10
C ILE B 124 -5.02 -18.97 -2.49
N LEU B 125 -3.85 -19.34 -3.02
CA LEU B 125 -3.10 -20.51 -2.61
C LEU B 125 -1.73 -20.08 -2.12
N ARG B 126 -1.43 -20.41 -0.86
CA ARG B 126 -0.16 -20.05 -0.25
C ARG B 126 0.41 -21.27 0.46
N VAL B 127 1.72 -21.21 0.68
CA VAL B 127 2.44 -22.21 1.47
C VAL B 127 3.27 -21.47 2.52
N THR B 128 3.12 -21.87 3.78
CA THR B 128 3.66 -21.12 4.91
C THR B 128 5.18 -21.18 4.96
N GLN B 129 5.79 -20.11 5.48
CA GLN B 129 7.24 -20.10 5.67
C GLN B 129 7.70 -21.25 6.56
N LYS B 130 6.81 -21.76 7.42
CA LYS B 130 7.11 -22.98 8.16
C LYS B 130 7.33 -24.14 7.20
N THR B 131 6.35 -24.36 6.33
CA THR B 131 6.45 -25.45 5.38
C THR B 131 7.61 -25.25 4.40
N TRP B 132 8.00 -24.00 4.11
CA TRP B 132 9.18 -23.80 3.25
C TRP B 132 10.47 -24.26 3.92
N GLU B 133 10.77 -23.74 5.11
CA GLU B 133 12.08 -24.00 5.69
C GLU B 133 12.20 -25.40 6.28
N THR B 134 11.08 -26.04 6.62
CA THR B 134 11.15 -27.43 7.04
C THR B 134 11.62 -28.33 5.89
N MET B 135 11.00 -28.19 4.71
CA MET B 135 11.47 -28.90 3.52
C MET B 135 12.81 -28.38 3.01
N GLN B 136 13.23 -27.19 3.42
CA GLN B 136 14.52 -26.68 3.00
C GLN B 136 15.70 -27.44 3.63
N HIS B 137 15.55 -27.90 4.88
CA HIS B 137 16.59 -28.71 5.51
C HIS B 137 16.39 -30.22 5.32
N GLU B 138 15.17 -30.67 5.01
CA GLU B 138 14.94 -32.09 4.79
C GLU B 138 15.59 -32.54 3.49
N ARG B 139 15.15 -32.00 2.37
CA ARG B 139 15.68 -32.35 1.07
C ARG B 139 16.76 -31.35 0.68
N HIS B 140 17.81 -31.86 0.07
CA HIS B 140 18.96 -31.06 -0.29
C HIS B 140 19.12 -31.01 -1.80
N LEU B 141 20.01 -30.15 -2.24
CA LEU B 141 20.13 -29.86 -3.65
C LEU B 141 20.72 -31.06 -4.35
N GLN B 142 20.33 -31.26 -5.61
CA GLN B 142 20.96 -32.30 -6.43
C GLN B 142 22.30 -31.76 -6.89
N GLN B 143 23.41 -32.33 -6.36
CA GLN B 143 24.74 -31.83 -6.71
C GLN B 143 25.09 -32.04 -8.17
N PRO B 144 25.09 -33.29 -8.72
CA PRO B 144 25.38 -33.41 -10.16
C PRO B 144 24.23 -32.81 -10.97
N GLU B 145 23.92 -31.51 -10.74
CA GLU B 145 22.82 -30.82 -11.41
C GLU B 145 23.36 -29.60 -12.14
N ASN B 146 23.59 -29.75 -13.44
CA ASN B 146 23.96 -28.65 -14.31
C ASN B 146 22.99 -28.52 -15.47
N LYS B 147 21.94 -29.34 -15.50
CA LYS B 147 21.19 -29.52 -16.73
C LYS B 147 20.44 -28.24 -17.07
N ILE B 148 19.57 -27.80 -16.16
CA ILE B 148 18.89 -26.52 -16.28
C ILE B 148 19.46 -25.56 -15.27
N LEU B 149 19.75 -26.06 -14.05
CA LEU B 149 20.26 -25.26 -12.91
C LEU B 149 21.54 -24.53 -13.33
N GLN B 150 22.52 -25.26 -13.87
CA GLN B 150 23.75 -24.57 -14.26
C GLN B 150 23.66 -23.93 -15.64
N GLN B 151 22.75 -24.39 -16.51
CA GLN B 151 22.64 -23.77 -17.83
C GLN B 151 22.36 -22.28 -17.69
N LEU B 152 21.73 -21.86 -16.58
CA LEU B 152 21.43 -20.46 -16.31
C LEU B 152 22.65 -19.67 -15.84
N ARG B 153 23.54 -20.28 -15.06
CA ARG B 153 24.79 -19.62 -14.71
C ARG B 153 25.62 -19.33 -15.97
N SER B 154 25.36 -20.06 -17.07
CA SER B 154 25.95 -19.75 -18.38
C SER B 154 25.45 -18.45 -18.96
N ARG B 155 24.37 -17.88 -18.42
CA ARG B 155 23.81 -16.63 -18.91
C ARG B 155 23.71 -15.55 -17.84
N GLY B 156 23.76 -15.91 -16.57
CA GLY B 156 23.64 -14.95 -15.50
C GLY B 156 22.22 -14.51 -15.24
N ASP B 157 21.23 -15.33 -15.58
CA ASP B 157 19.83 -14.95 -15.37
C ASP B 157 19.46 -15.25 -13.92
N ASP B 158 18.79 -14.29 -13.25
CA ASP B 158 18.34 -14.56 -11.90
C ASP B 158 17.23 -15.61 -11.92
N LEU B 159 17.05 -16.28 -10.79
CA LEU B 159 16.09 -17.37 -10.71
C LEU B 159 15.16 -17.24 -9.49
N PHE B 160 13.83 -17.38 -9.70
CA PHE B 160 12.84 -17.18 -8.65
C PHE B 160 11.76 -18.25 -8.66
N VAL B 161 11.11 -18.40 -7.50
CA VAL B 161 10.00 -19.34 -7.26
C VAL B 161 8.73 -18.58 -6.91
N VAL B 162 7.58 -19.03 -7.45
CA VAL B 162 6.27 -18.46 -7.07
C VAL B 162 5.79 -19.02 -5.74
N THR B 163 5.48 -18.14 -4.79
CA THR B 163 5.17 -18.56 -3.42
C THR B 163 3.70 -18.46 -3.03
N GLU B 164 2.88 -17.69 -3.74
CA GLU B 164 1.44 -17.72 -3.55
C GLU B 164 0.75 -17.14 -4.79
N VAL B 165 -0.40 -17.71 -5.18
CA VAL B 165 -1.09 -17.38 -6.43
C VAL B 165 -2.55 -17.04 -6.17
N LEU B 166 -3.13 -16.33 -7.14
CA LEU B 166 -4.51 -15.89 -7.11
C LEU B 166 -5.19 -16.53 -8.30
N GLN B 167 -5.87 -17.63 -8.05
CA GLN B 167 -6.46 -18.50 -9.07
C GLN B 167 -7.99 -18.43 -9.03
N THR B 168 -8.65 -19.17 -9.92
CA THR B 168 -10.10 -19.19 -9.94
C THR B 168 -10.64 -20.47 -9.31
N LYS B 169 -11.87 -20.39 -8.80
CA LYS B 169 -12.55 -21.54 -8.25
C LYS B 169 -13.64 -22.03 -9.20
N GLU B 170 -14.19 -21.16 -10.05
CA GLU B 170 -15.29 -21.51 -10.95
C GLU B 170 -14.80 -21.56 -12.40
N GLU B 171 -15.41 -22.45 -13.19
CA GLU B 171 -15.20 -22.46 -14.64
C GLU B 171 -16.07 -21.37 -15.25
N VAL B 172 -15.46 -20.24 -15.62
CA VAL B 172 -16.19 -19.04 -16.00
C VAL B 172 -16.15 -18.82 -17.51
N GLN B 173 -17.19 -18.15 -18.02
CA GLN B 173 -17.36 -17.89 -19.45
C GLN B 173 -17.26 -16.38 -19.62
N ILE B 174 -16.12 -15.91 -20.09
CA ILE B 174 -15.80 -14.49 -20.15
C ILE B 174 -15.52 -14.13 -21.60
N THR B 175 -15.94 -12.94 -21.98
CA THR B 175 -15.64 -12.43 -23.30
C THR B 175 -14.84 -11.16 -23.17
N GLU B 176 -13.88 -11.01 -24.08
CA GLU B 176 -12.98 -9.89 -24.08
C GLU B 176 -12.62 -9.61 -25.53
N MET B 207 -15.01 -14.21 -27.06
CA MET B 207 -15.20 -15.01 -25.85
C MET B 207 -14.39 -16.32 -25.84
N VAL B 208 -13.89 -16.68 -24.65
CA VAL B 208 -13.21 -17.94 -24.39
C VAL B 208 -13.66 -18.39 -23.01
N THR B 209 -13.52 -19.69 -22.75
CA THR B 209 -13.89 -20.26 -21.46
C THR B 209 -12.63 -20.74 -20.77
N ILE B 210 -12.62 -20.61 -19.45
CA ILE B 210 -11.45 -20.82 -18.63
C ILE B 210 -11.80 -21.78 -17.50
N PRO B 211 -11.05 -22.85 -17.27
CA PRO B 211 -11.44 -23.85 -16.26
C PRO B 211 -11.12 -23.38 -14.84
N ALA B 212 -11.63 -24.17 -13.88
CA ALA B 212 -11.44 -23.85 -12.47
C ALA B 212 -10.02 -24.20 -12.06
N GLY B 213 -9.36 -23.28 -11.36
CA GLY B 213 -7.95 -23.39 -11.03
C GLY B 213 -7.03 -22.56 -11.89
N SER B 214 -7.56 -21.83 -12.85
CA SER B 214 -6.76 -20.96 -13.70
C SER B 214 -6.08 -19.86 -12.87
N ILE B 215 -4.79 -19.65 -13.08
CA ILE B 215 -4.02 -18.68 -12.31
C ILE B 215 -4.13 -17.30 -12.93
N LEU B 216 -4.31 -16.29 -12.08
CA LEU B 216 -4.44 -14.89 -12.49
C LEU B 216 -3.33 -13.97 -12.00
N ALA B 217 -2.68 -14.31 -10.90
CA ALA B 217 -1.57 -13.51 -10.39
C ALA B 217 -0.72 -14.41 -9.49
N PHE B 218 0.43 -13.88 -9.07
CA PHE B 218 1.38 -14.68 -8.32
C PHE B 218 2.38 -13.79 -7.58
N ARG B 219 2.86 -14.30 -6.45
CA ARG B 219 3.91 -13.69 -5.64
C ARG B 219 5.20 -14.49 -5.78
N VAL B 220 6.32 -13.79 -5.94
CA VAL B 220 7.59 -14.41 -6.25
C VAL B 220 8.51 -14.31 -5.02
N ALA B 221 9.61 -15.08 -5.05
CA ALA B 221 10.64 -15.04 -4.03
C ALA B 221 11.97 -15.32 -4.69
N GLN B 222 12.84 -14.32 -4.81
CA GLN B 222 14.17 -14.58 -5.39
C GLN B 222 14.92 -15.52 -4.46
N LEU B 223 15.54 -16.53 -5.02
CA LEU B 223 16.35 -17.43 -4.23
C LEU B 223 17.74 -17.55 -4.82
N LEU B 224 18.74 -17.68 -3.95
CA LEU B 224 20.14 -17.81 -4.34
C LEU B 224 20.61 -19.25 -4.17
N ILE B 225 21.54 -19.64 -5.02
CA ILE B 225 22.10 -20.99 -5.04
C ILE B 225 23.62 -20.89 -4.96
N GLY B 226 24.28 -22.05 -4.99
CA GLY B 226 25.72 -22.14 -4.82
C GLY B 226 26.13 -23.30 -3.92
N SER B 227 26.82 -22.99 -2.83
CA SER B 227 27.13 -24.03 -1.86
C SER B 227 25.91 -24.39 -1.02
N LYS B 228 25.08 -23.39 -0.70
CA LYS B 228 23.86 -23.55 0.09
C LYS B 228 22.76 -22.74 -0.58
N TRP B 229 21.56 -23.33 -0.63
CA TRP B 229 20.39 -22.68 -1.25
C TRP B 229 19.45 -22.10 -0.21
N ASP B 230 18.96 -20.89 -0.49
CA ASP B 230 18.05 -20.19 0.41
C ASP B 230 17.24 -19.15 -0.36
N ILE B 231 16.10 -18.77 0.23
CA ILE B 231 15.15 -17.84 -0.37
C ILE B 231 15.20 -16.48 0.32
N LEU B 232 15.10 -15.42 -0.46
CA LEU B 232 14.90 -14.10 0.10
C LEU B 232 13.43 -13.74 -0.12
N LEU B 233 12.64 -13.89 0.95
CA LEU B 233 11.30 -13.32 0.91
C LEU B 233 11.41 -11.83 0.80
N VAL B 234 12.51 -11.27 1.29
CA VAL B 234 12.79 -9.86 1.17
C VAL B 234 13.52 -9.69 -0.16
N SER B 235 12.80 -9.25 -1.18
CA SER B 235 13.31 -9.26 -2.57
C SER B 235 14.32 -8.13 -2.77
N ASP B 236 15.58 -8.42 -2.46
CA ASP B 236 16.69 -7.48 -2.62
C ASP B 236 17.04 -7.22 -4.09
N GLU B 237 16.76 -6.00 -4.54
CA GLU B 237 16.98 -5.58 -5.93
C GLU B 237 18.45 -5.55 -6.27
N LYS B 238 19.31 -5.80 -5.28
CA LYS B 238 20.75 -5.85 -5.47
C LYS B 238 21.31 -7.26 -5.50
N GLN B 239 20.87 -8.15 -4.61
CA GLN B 239 21.44 -9.49 -4.54
C GLN B 239 21.09 -10.28 -5.79
N ARG B 240 22.11 -10.72 -6.49
CA ARG B 240 21.92 -11.56 -7.65
C ARG B 240 21.93 -13.00 -7.19
N THR B 241 21.31 -13.86 -8.00
CA THR B 241 21.13 -15.26 -7.61
C THR B 241 22.46 -16.01 -7.62
N PHE B 242 23.26 -15.84 -8.68
CA PHE B 242 24.50 -16.58 -8.89
C PHE B 242 25.77 -15.83 -8.39
N ALA B 288 16.65 7.24 -6.67
CA ALA B 288 15.66 6.91 -7.70
C ALA B 288 15.19 8.14 -8.44
N ASP B 289 15.75 8.41 -9.62
CA ASP B 289 15.60 9.71 -10.24
C ASP B 289 15.90 9.63 -11.73
N PHE B 290 15.58 10.73 -12.45
CA PHE B 290 15.89 10.82 -13.87
C PHE B 290 17.38 11.04 -14.13
N GLN B 291 18.11 11.65 -13.19
CA GLN B 291 19.55 11.86 -13.39
C GLN B 291 20.27 10.56 -13.65
N GLY B 292 19.98 9.53 -12.84
CA GLY B 292 20.54 8.22 -13.10
C GLY B 292 20.09 7.66 -14.45
N LEU B 293 18.87 8.00 -14.88
CA LEU B 293 18.36 7.50 -16.15
C LEU B 293 19.10 8.10 -17.35
N TYR B 294 19.17 9.44 -17.45
CA TYR B 294 19.88 10.05 -18.57
C TYR B 294 21.36 9.73 -18.52
N ALA B 295 21.94 9.59 -17.33
CA ALA B 295 23.33 9.18 -17.21
C ALA B 295 23.55 7.80 -17.82
N GLU B 296 22.65 6.85 -17.53
CA GLU B 296 22.77 5.51 -18.08
C GLU B 296 22.64 5.48 -19.61
N VAL B 297 21.54 6.05 -20.12
CA VAL B 297 21.20 5.89 -21.53
C VAL B 297 22.11 6.70 -22.44
N LYS B 298 22.71 7.77 -21.93
CA LYS B 298 23.69 8.51 -22.72
C LYS B 298 25.04 7.79 -22.67
N ALA B 299 25.36 7.15 -21.54
CA ALA B 299 26.53 6.27 -21.50
C ALA B 299 26.38 5.13 -22.51
N CYS B 300 25.15 4.66 -22.72
CA CYS B 300 24.92 3.65 -23.73
C CYS B 300 25.10 4.21 -25.14
N SER B 301 24.41 5.30 -25.46
CA SER B 301 24.47 5.91 -26.78
C SER B 301 25.81 6.62 -27.07
N SER B 302 26.73 6.66 -26.09
CA SER B 302 27.97 7.40 -26.28
C SER B 302 28.94 6.70 -27.24
N GLU B 303 29.28 5.42 -26.96
CA GLU B 303 30.33 4.71 -27.70
C GLU B 303 29.90 4.24 -29.11
N LEU B 304 28.66 4.49 -29.54
CA LEU B 304 28.16 4.08 -30.86
C LEU B 304 28.57 5.01 -31.99
N GLU B 305 28.97 6.24 -31.68
CA GLU B 305 29.34 7.26 -32.66
C GLU B 305 30.80 7.11 -33.18
N SER B 306 31.46 5.95 -33.02
CA SER B 306 32.83 5.75 -33.50
C SER B 306 32.94 4.50 -34.37
N LEU B 307 31.82 4.07 -34.95
CA LEU B 307 31.78 2.89 -35.80
C LEU B 307 31.38 3.31 -37.20
N GLU B 308 31.62 2.42 -38.16
CA GLU B 308 31.27 2.71 -39.54
C GLU B 308 29.76 2.90 -39.66
N MET B 309 29.34 3.66 -40.68
CA MET B 309 27.93 4.01 -40.83
C MET B 309 27.09 2.78 -41.18
N GLU B 310 27.49 2.02 -42.22
CA GLU B 310 26.78 0.81 -42.65
C GLU B 310 26.90 -0.34 -41.65
N LEU B 311 27.88 -0.31 -40.74
CA LEU B 311 27.87 -1.22 -39.59
C LEU B 311 26.67 -0.98 -38.68
N ARG B 312 26.44 0.28 -38.29
CA ARG B 312 25.30 0.62 -37.42
C ARG B 312 23.97 0.40 -38.12
N GLN B 313 23.84 0.91 -39.35
CA GLN B 313 22.54 0.93 -40.00
C GLN B 313 22.05 -0.48 -40.33
N GLN B 314 22.98 -1.42 -40.56
CA GLN B 314 22.60 -2.83 -40.77
C GLN B 314 21.93 -3.39 -39.51
N ILE B 315 22.45 -3.03 -38.33
CA ILE B 315 21.81 -3.39 -37.07
C ILE B 315 20.49 -2.65 -36.90
N LEU B 316 20.42 -1.39 -37.33
CA LEU B 316 19.17 -0.65 -37.28
C LEU B 316 18.06 -1.38 -38.05
N VAL B 317 18.33 -1.75 -39.29
CA VAL B 317 17.31 -2.40 -40.13
C VAL B 317 16.95 -3.78 -39.61
N ASN B 318 17.94 -4.55 -39.12
CA ASN B 318 17.67 -5.87 -38.57
C ASN B 318 16.92 -5.82 -37.25
N ILE B 319 17.07 -4.74 -36.47
CA ILE B 319 16.27 -4.56 -35.26
C ILE B 319 14.80 -4.28 -35.58
N GLY B 320 14.54 -3.33 -36.48
CA GLY B 320 13.18 -3.08 -36.93
C GLY B 320 12.53 -4.28 -37.57
N LYS B 321 13.33 -5.20 -38.10
CA LYS B 321 12.82 -6.47 -38.60
C LYS B 321 12.42 -7.39 -37.45
N ILE B 322 13.34 -7.66 -36.52
CA ILE B 322 13.06 -8.56 -35.40
C ILE B 322 12.20 -7.89 -34.34
N LEU B 323 11.87 -6.60 -34.50
CA LEU B 323 10.82 -6.01 -33.68
C LEU B 323 9.49 -6.72 -33.92
N GLN B 324 9.30 -7.24 -35.13
CA GLN B 324 8.15 -8.07 -35.47
C GLN B 324 8.44 -9.56 -35.23
N ASP B 325 9.55 -9.89 -34.52
CA ASP B 325 9.96 -11.28 -34.24
C ASP B 325 10.73 -11.32 -32.92
N GLN B 326 10.01 -11.68 -31.83
CA GLN B 326 10.60 -11.73 -30.48
C GLN B 326 11.57 -12.90 -30.28
N PRO B 327 11.27 -14.15 -30.67
CA PRO B 327 12.22 -15.26 -30.42
C PRO B 327 13.63 -15.00 -30.95
N SER B 328 13.77 -14.25 -32.04
CA SER B 328 15.09 -13.78 -32.43
C SER B 328 15.75 -12.99 -31.32
N MET B 329 15.00 -12.06 -30.69
CA MET B 329 15.54 -11.34 -29.54
C MET B 329 15.87 -12.29 -28.39
N GLU B 330 14.98 -13.24 -28.09
CA GLU B 330 15.17 -14.16 -26.96
C GLU B 330 16.45 -14.96 -27.14
N ALA B 331 16.65 -15.54 -28.32
CA ALA B 331 17.92 -16.18 -28.62
C ALA B 331 19.06 -15.16 -28.62
N LEU B 332 18.77 -13.91 -28.97
CA LEU B 332 19.82 -12.90 -29.04
C LEU B 332 20.43 -12.60 -27.67
N GLU B 333 19.60 -12.23 -26.69
CA GLU B 333 20.12 -11.96 -25.34
C GLU B 333 20.72 -13.21 -24.71
N ALA B 334 20.23 -14.39 -25.11
CA ALA B 334 20.80 -15.65 -24.62
C ALA B 334 22.22 -15.86 -25.15
N SER B 335 22.40 -15.68 -26.47
CA SER B 335 23.73 -15.73 -27.04
C SER B 335 24.60 -14.63 -26.45
N LEU B 336 24.02 -13.44 -26.23
CA LEU B 336 24.74 -12.35 -25.60
C LEU B 336 25.18 -12.75 -24.19
N GLY B 337 24.26 -13.31 -23.42
CA GLY B 337 24.58 -13.73 -22.05
C GLY B 337 25.57 -14.86 -21.96
N GLN B 338 25.60 -15.75 -22.95
CA GLN B 338 26.55 -16.86 -22.91
C GLN B 338 27.99 -16.35 -22.93
N GLY B 339 28.33 -15.52 -23.93
CA GLY B 339 29.71 -15.05 -23.99
C GLY B 339 30.07 -14.03 -22.93
N LEU B 340 29.07 -13.34 -22.36
CA LEU B 340 29.31 -12.16 -21.54
C LEU B 340 29.59 -12.51 -20.07
N CYS B 341 28.62 -13.12 -19.38
CA CYS B 341 28.77 -13.48 -17.96
C CYS B 341 29.39 -14.85 -17.74
N SER B 342 29.89 -15.50 -18.79
CA SER B 342 30.61 -16.76 -18.67
C SER B 342 31.89 -16.80 -19.47
N GLY B 343 32.10 -15.90 -20.44
CA GLY B 343 33.35 -15.82 -21.19
C GLY B 343 33.58 -16.83 -22.29
N GLY B 344 32.64 -17.74 -22.54
CA GLY B 344 32.82 -18.70 -23.62
C GLY B 344 32.84 -18.04 -25.00
N GLN B 345 32.78 -18.89 -26.02
CA GLN B 345 32.76 -18.46 -27.41
C GLN B 345 31.32 -18.51 -27.91
N VAL B 346 30.91 -17.50 -28.69
CA VAL B 346 29.52 -17.47 -29.14
C VAL B 346 29.42 -18.13 -30.51
N GLU B 347 28.43 -18.97 -30.65
CA GLU B 347 28.15 -19.58 -31.93
C GLU B 347 27.21 -18.68 -32.72
N PRO B 348 27.48 -18.42 -34.00
CA PRO B 348 26.52 -17.65 -34.81
C PRO B 348 25.17 -18.37 -34.87
N LEU B 349 24.10 -17.60 -35.05
CA LEU B 349 22.73 -18.12 -35.11
C LEU B 349 22.04 -17.71 -36.40
N ASP B 350 20.91 -18.37 -36.70
CA ASP B 350 20.24 -18.21 -37.98
C ASP B 350 19.35 -16.97 -37.98
N GLY B 351 18.76 -16.70 -39.15
CA GLY B 351 17.90 -15.54 -39.35
C GLY B 351 18.62 -14.21 -39.21
N PRO B 352 17.87 -13.11 -39.32
CA PRO B 352 18.46 -11.77 -39.12
C PRO B 352 18.96 -11.49 -37.71
N ALA B 353 18.60 -12.32 -36.72
CA ALA B 353 19.29 -12.29 -35.44
C ALA B 353 20.80 -12.54 -35.61
N GLY B 354 21.16 -13.43 -36.53
CA GLY B 354 22.56 -13.68 -36.86
C GLY B 354 23.25 -12.54 -37.59
N CYS B 355 22.49 -11.78 -38.40
CA CYS B 355 23.05 -10.68 -39.18
C CYS B 355 23.56 -9.55 -38.31
N ILE B 356 22.91 -9.29 -37.17
CA ILE B 356 23.43 -8.31 -36.23
C ILE B 356 24.56 -8.88 -35.39
N LEU B 357 24.55 -10.19 -35.14
CA LEU B 357 25.56 -10.84 -34.28
C LEU B 357 26.98 -10.64 -34.79
N GLU B 358 27.23 -10.89 -36.08
CA GLU B 358 28.57 -10.69 -36.65
C GLU B 358 29.03 -9.23 -36.68
N CYS B 359 28.13 -8.25 -36.45
CA CYS B 359 28.52 -6.85 -36.30
C CYS B 359 29.02 -6.52 -34.90
N LEU B 360 28.91 -7.45 -33.95
CA LEU B 360 29.37 -7.27 -32.57
C LEU B 360 30.53 -8.17 -32.19
N VAL B 361 30.69 -9.33 -32.88
CA VAL B 361 31.85 -10.21 -32.72
C VAL B 361 32.98 -9.72 -33.62
N LEU B 362 34.21 -9.72 -33.09
CA LEU B 362 35.36 -9.29 -33.88
C LEU B 362 35.62 -10.31 -35.01
N ASP B 363 36.67 -10.08 -35.80
CA ASP B 363 36.99 -11.04 -36.86
C ASP B 363 37.38 -12.43 -36.35
N SER B 364 37.54 -12.61 -35.04
CA SER B 364 38.13 -13.82 -34.49
C SER B 364 37.18 -14.66 -33.63
N GLY B 365 36.09 -14.09 -33.12
CA GLY B 365 35.17 -14.81 -32.24
C GLY B 365 35.03 -14.24 -30.84
N GLU B 366 35.80 -13.21 -30.49
CA GLU B 366 35.69 -12.57 -29.19
C GLU B 366 34.91 -11.26 -29.29
N LEU B 367 33.99 -11.07 -28.34
CA LEU B 367 33.18 -9.86 -28.23
C LEU B 367 33.96 -8.81 -27.44
N VAL B 368 33.58 -7.56 -27.63
CA VAL B 368 34.16 -6.45 -26.82
C VAL B 368 33.09 -6.08 -25.75
N PRO B 369 33.37 -6.39 -24.48
CA PRO B 369 32.33 -6.08 -23.45
C PRO B 369 31.89 -4.63 -23.37
N GLU B 370 32.81 -3.66 -23.29
CA GLU B 370 32.44 -2.24 -23.31
C GLU B 370 31.74 -1.85 -24.62
N LEU B 371 31.74 -2.73 -25.63
CA LEU B 371 31.14 -2.48 -26.94
C LEU B 371 29.96 -3.38 -27.29
N ALA B 372 29.65 -4.40 -26.48
CA ALA B 372 28.52 -5.31 -26.69
C ALA B 372 27.48 -5.31 -25.58
N ALA B 373 27.83 -4.86 -24.38
CA ALA B 373 26.88 -4.76 -23.28
C ALA B 373 25.68 -3.83 -23.54
N PRO B 374 25.83 -2.67 -24.19
CA PRO B 374 24.64 -1.86 -24.50
C PRO B 374 23.64 -2.55 -25.42
N ILE B 375 24.08 -3.42 -26.32
CA ILE B 375 23.16 -4.19 -27.15
C ILE B 375 22.32 -5.11 -26.28
N PHE B 376 22.96 -5.72 -25.29
CA PHE B 376 22.20 -6.46 -24.29
C PHE B 376 21.25 -5.53 -23.56
N TYR B 377 21.69 -4.32 -23.24
CA TYR B 377 20.83 -3.38 -22.51
C TYR B 377 19.59 -3.00 -23.32
N LEU B 378 19.78 -2.56 -24.57
CA LEU B 378 18.63 -2.11 -25.35
C LEU B 378 17.63 -3.25 -25.53
N LEU B 379 18.11 -4.49 -25.66
CA LEU B 379 17.20 -5.61 -25.79
C LEU B 379 16.35 -5.77 -24.54
N GLY B 380 16.93 -5.47 -23.38
CA GLY B 380 16.13 -5.39 -22.16
C GLY B 380 15.16 -4.23 -22.18
N ALA B 381 15.58 -3.10 -22.75
CA ALA B 381 14.66 -1.97 -22.82
C ALA B 381 13.44 -2.30 -23.66
N LEU B 382 13.57 -3.19 -24.62
CA LEU B 382 12.40 -3.62 -25.39
C LEU B 382 11.77 -4.88 -24.86
N ALA B 383 12.51 -5.70 -24.10
CA ALA B 383 11.94 -6.93 -23.57
C ALA B 383 10.78 -6.62 -22.65
N VAL B 384 10.84 -5.48 -21.95
CA VAL B 384 9.79 -5.10 -21.03
C VAL B 384 8.62 -4.41 -21.73
N LEU B 385 8.80 -3.96 -22.96
CA LEU B 385 7.72 -3.26 -23.64
C LEU B 385 6.68 -4.26 -24.15
N SER B 386 5.44 -3.78 -24.31
CA SER B 386 4.45 -4.63 -24.94
C SER B 386 4.76 -4.73 -26.43
N GLU B 387 4.30 -5.81 -27.05
CA GLU B 387 4.62 -6.05 -28.46
C GLU B 387 4.05 -4.96 -29.36
N THR B 388 2.82 -4.49 -29.09
CA THR B 388 2.25 -3.40 -29.90
C THR B 388 3.21 -2.22 -29.98
N GLN B 389 3.90 -1.93 -28.86
CA GLN B 389 4.88 -0.85 -28.84
C GLN B 389 6.05 -1.12 -29.80
N GLN B 390 6.59 -2.35 -29.77
CA GLN B 390 7.75 -2.68 -30.59
C GLN B 390 7.42 -2.65 -32.09
N GLN B 391 6.25 -3.17 -32.48
CA GLN B 391 5.85 -3.08 -33.88
C GLN B 391 5.69 -1.63 -34.30
N LEU B 392 5.04 -0.82 -33.46
CA LEU B 392 4.89 0.60 -33.74
C LEU B 392 6.25 1.31 -33.72
N LEU B 393 7.19 0.83 -32.90
CA LEU B 393 8.57 1.30 -33.05
C LEU B 393 9.20 0.82 -34.36
N ALA B 394 8.84 -0.40 -34.80
CA ALA B 394 9.40 -0.93 -36.05
C ALA B 394 8.93 -0.13 -37.27
N LYS B 395 7.67 0.31 -37.27
CA LYS B 395 7.13 1.06 -38.41
C LYS B 395 7.54 2.53 -38.38
N ALA B 396 7.87 3.06 -37.20
CA ALA B 396 8.36 4.43 -37.08
C ALA B 396 9.88 4.49 -37.17
N LEU B 397 10.53 3.33 -37.34
CA LEU B 397 11.98 3.22 -37.36
C LEU B 397 12.62 3.80 -38.62
N GLU B 398 12.01 3.58 -39.79
CA GLU B 398 12.65 3.90 -41.06
C GLU B 398 12.68 5.40 -41.36
N THR B 399 12.15 6.23 -40.46
CA THR B 399 12.18 7.68 -40.53
C THR B 399 12.75 8.19 -39.21
N THR B 400 12.86 9.50 -39.12
CA THR B 400 13.25 10.17 -37.89
C THR B 400 12.08 10.44 -36.94
N VAL B 401 10.87 9.99 -37.29
CA VAL B 401 9.64 10.36 -36.57
C VAL B 401 9.39 9.57 -35.28
N LEU B 402 10.37 8.82 -34.81
CA LEU B 402 10.27 8.23 -33.47
C LEU B 402 11.03 9.08 -32.45
N SER B 403 12.03 9.84 -32.92
CA SER B 403 12.89 10.67 -32.08
C SER B 403 12.11 11.68 -31.24
N LYS B 404 11.09 12.32 -31.81
CA LYS B 404 10.25 13.25 -31.05
C LYS B 404 9.66 12.60 -29.79
N GLN B 405 9.12 11.39 -29.93
CA GLN B 405 8.64 10.65 -28.77
C GLN B 405 9.71 10.55 -27.67
N LEU B 406 10.97 10.33 -28.05
CA LEU B 406 12.07 10.35 -27.07
C LEU B 406 12.07 11.59 -26.17
N GLU B 407 12.22 12.78 -26.77
CA GLU B 407 12.29 13.99 -25.96
C GLU B 407 10.99 14.23 -25.21
N LEU B 408 9.87 13.84 -25.81
CA LEU B 408 8.59 13.83 -25.12
C LEU B 408 8.68 13.03 -23.81
N VAL B 409 9.15 11.78 -23.90
CA VAL B 409 9.25 10.94 -22.70
C VAL B 409 10.25 11.53 -21.70
N LYS B 410 11.34 12.13 -22.21
CA LYS B 410 12.22 12.92 -21.35
C LYS B 410 11.40 13.88 -20.48
N HIS B 411 10.38 14.49 -21.07
CA HIS B 411 9.46 15.34 -20.31
C HIS B 411 8.75 14.55 -19.22
N VAL B 412 7.95 13.54 -19.60
CA VAL B 412 7.09 12.89 -18.61
C VAL B 412 7.92 12.35 -17.47
N LEU B 413 9.14 11.92 -17.76
CA LEU B 413 9.98 11.33 -16.72
C LEU B 413 10.84 12.33 -15.98
N GLU B 414 11.16 13.47 -16.60
CA GLU B 414 11.68 14.56 -15.80
C GLU B 414 10.55 15.24 -15.06
N GLN B 415 9.31 15.01 -15.52
CA GLN B 415 8.10 15.54 -14.92
C GLN B 415 7.33 14.51 -14.09
N SER B 416 7.70 13.23 -14.14
CA SER B 416 7.02 12.28 -13.26
C SER B 416 7.67 12.16 -11.89
N THR B 417 8.80 12.84 -11.66
CA THR B 417 9.42 12.81 -10.35
C THR B 417 8.57 13.61 -9.35
N PRO B 418 8.34 13.08 -8.13
CA PRO B 418 8.78 11.79 -7.58
C PRO B 418 7.94 10.63 -8.05
N TRP B 419 8.56 9.45 -8.06
CA TRP B 419 7.94 8.26 -8.64
C TRP B 419 7.18 7.43 -7.61
N GLN B 420 6.66 8.06 -6.57
CA GLN B 420 5.88 7.37 -5.57
C GLN B 420 4.40 7.66 -5.66
N GLU B 421 4.06 8.89 -6.02
CA GLU B 421 2.72 9.42 -5.97
C GLU B 421 2.00 9.24 -7.30
N GLN B 422 0.71 8.91 -7.24
CA GLN B 422 -0.08 8.87 -8.47
C GLN B 422 -0.34 10.31 -8.91
N SER B 423 0.54 10.88 -9.76
CA SER B 423 0.56 12.30 -10.10
C SER B 423 0.01 12.57 -11.51
N SER B 424 0.14 13.82 -11.97
CA SER B 424 -0.30 14.24 -13.30
C SER B 424 0.73 15.19 -13.90
N VAL B 425 0.85 15.16 -15.23
CA VAL B 425 1.84 15.95 -15.95
C VAL B 425 1.15 16.75 -17.05
N SER B 426 1.57 17.99 -17.21
CA SER B 426 1.05 18.82 -18.29
C SER B 426 1.95 18.65 -19.50
N LEU B 427 1.35 18.75 -20.67
CA LEU B 427 2.08 18.48 -21.88
C LEU B 427 2.05 19.70 -22.79
N PRO B 428 3.13 19.98 -23.50
CA PRO B 428 3.08 21.06 -24.49
C PRO B 428 2.22 20.60 -25.66
N THR B 429 0.95 21.03 -25.71
CA THR B 429 0.05 20.62 -26.79
C THR B 429 0.63 20.99 -28.16
N VAL B 430 1.45 22.04 -28.23
CA VAL B 430 2.12 22.34 -29.50
C VAL B 430 3.02 21.19 -29.93
N LEU B 431 3.61 20.47 -28.95
CA LEU B 431 4.41 19.29 -29.26
C LEU B 431 3.52 18.09 -29.60
N LEU B 432 2.36 17.98 -28.94
CA LEU B 432 1.42 16.91 -29.24
C LEU B 432 0.80 17.08 -30.62
N GLY B 433 0.95 18.25 -31.22
CA GLY B 433 0.39 18.47 -32.53
C GLY B 433 -1.11 18.67 -32.45
N ASP B 434 -1.76 18.47 -33.60
CA ASP B 434 -3.18 18.67 -33.72
C ASP B 434 -3.92 17.33 -33.55
N CYS B 435 -5.14 17.42 -33.01
CA CYS B 435 -6.05 16.29 -32.79
C CYS B 435 -5.34 15.10 -32.12
N TRP B 436 -5.02 15.30 -30.84
CA TRP B 436 -4.44 14.25 -30.00
C TRP B 436 -5.56 13.45 -29.35
N ASP B 437 -5.55 12.12 -29.51
CA ASP B 437 -6.70 11.31 -29.10
C ASP B 437 -6.29 9.83 -28.98
N GLU B 438 -7.31 8.97 -28.84
CA GLU B 438 -7.13 7.55 -28.54
C GLU B 438 -6.41 6.78 -29.64
N LYS B 439 -6.30 7.31 -30.85
CA LYS B 439 -5.52 6.63 -31.89
C LYS B 439 -4.28 7.42 -32.30
N ASN B 440 -3.86 8.40 -31.52
CA ASN B 440 -2.56 9.01 -31.78
C ASN B 440 -1.47 8.03 -31.33
N PRO B 441 -0.37 7.90 -32.09
CA PRO B 441 0.66 6.91 -31.71
C PRO B 441 1.20 7.02 -30.29
N THR B 442 1.75 8.17 -29.89
CA THR B 442 2.37 8.26 -28.57
C THR B 442 1.37 7.98 -27.46
N TRP B 443 0.09 8.29 -27.70
CA TRP B 443 -0.99 7.91 -26.79
C TRP B 443 -1.04 6.40 -26.58
N VAL B 444 -0.93 5.62 -27.67
CA VAL B 444 -0.99 4.17 -27.56
C VAL B 444 0.24 3.62 -26.84
N LEU B 445 1.41 4.25 -27.08
CA LEU B 445 2.64 3.82 -26.41
C LEU B 445 2.52 3.95 -24.89
N LEU B 446 1.95 5.06 -24.44
CA LEU B 446 1.76 5.35 -23.00
C LEU B 446 0.64 4.48 -22.43
N GLU B 447 -0.38 4.18 -23.24
CA GLU B 447 -1.48 3.37 -22.74
C GLU B 447 -1.03 1.92 -22.53
N GLU B 448 -0.28 1.38 -23.50
CA GLU B 448 0.35 0.06 -23.37
C GLU B 448 1.45 0.04 -22.32
N CYS B 449 1.87 1.20 -21.83
CA CYS B 449 2.73 1.28 -20.66
C CYS B 449 1.93 1.21 -19.35
N GLY B 450 0.62 1.04 -19.39
CA GLY B 450 -0.18 0.90 -18.17
C GLY B 450 -0.85 2.17 -17.70
N LEU B 451 -0.84 3.21 -18.51
CA LEU B 451 -1.32 4.52 -18.11
C LEU B 451 -2.69 4.77 -18.69
N ARG B 452 -3.46 5.58 -17.97
CA ARG B 452 -4.78 6.05 -18.36
C ARG B 452 -4.72 7.51 -18.80
N LEU B 453 -5.22 7.79 -20.01
CA LEU B 453 -5.01 9.07 -20.68
C LEU B 453 -6.31 9.78 -21.02
N GLN B 454 -6.18 11.08 -21.30
CA GLN B 454 -7.25 11.94 -21.82
C GLN B 454 -6.61 13.03 -22.67
N VAL B 455 -7.42 13.67 -23.53
CA VAL B 455 -6.90 14.73 -24.39
C VAL B 455 -6.73 16.02 -23.60
N GLU B 456 -7.70 16.32 -22.76
CA GLU B 456 -7.65 17.51 -21.92
C GLU B 456 -6.57 17.36 -20.87
N SER B 457 -5.85 18.48 -20.56
CA SER B 457 -4.78 18.56 -19.57
C SER B 457 -5.37 18.57 -18.15
N PRO B 458 -4.72 17.90 -17.17
CA PRO B 458 -3.52 17.06 -17.35
C PRO B 458 -3.78 15.77 -18.17
N GLN B 459 -2.94 15.47 -19.17
CA GLN B 459 -3.31 14.40 -20.10
C GLN B 459 -3.14 13.01 -19.51
N VAL B 460 -2.09 12.81 -18.72
CA VAL B 460 -1.76 11.49 -18.19
C VAL B 460 -1.77 11.54 -16.67
N HIS B 461 -2.23 10.46 -16.04
CA HIS B 461 -2.13 10.30 -14.59
C HIS B 461 -1.22 9.10 -14.34
N TRP B 462 -0.05 9.37 -13.75
CA TRP B 462 1.03 8.41 -13.57
C TRP B 462 0.71 7.42 -12.47
N GLU B 463 0.83 6.12 -12.77
CA GLU B 463 0.61 5.13 -11.75
C GLU B 463 1.95 4.53 -11.37
N PRO B 464 2.11 4.02 -10.14
CA PRO B 464 3.37 3.34 -9.80
C PRO B 464 3.60 2.05 -10.58
N THR B 465 2.53 1.35 -10.97
CA THR B 465 2.65 0.13 -11.77
C THR B 465 3.33 0.39 -13.10
N SER B 466 3.29 1.64 -13.60
CA SER B 466 3.75 2.02 -14.93
C SER B 466 5.19 2.56 -14.93
N LEU B 467 5.89 2.46 -13.80
CA LEU B 467 7.28 2.93 -13.74
C LEU B 467 8.20 2.11 -14.63
N ILE B 468 8.07 0.79 -14.60
CA ILE B 468 9.03 -0.06 -15.29
C ILE B 468 8.97 0.15 -16.80
N PRO B 469 7.84 -0.07 -17.50
CA PRO B 469 7.87 0.15 -18.97
C PRO B 469 8.19 1.59 -19.37
N THR B 470 7.46 2.57 -18.84
CA THR B 470 7.66 3.96 -19.26
C THR B 470 9.14 4.36 -19.17
N SER B 471 9.78 4.06 -18.04
CA SER B 471 11.21 4.26 -17.89
C SER B 471 11.95 3.66 -19.07
N ALA B 472 11.74 2.36 -19.29
CA ALA B 472 12.43 1.67 -20.37
C ALA B 472 12.04 2.22 -21.72
N LEU B 473 10.80 2.69 -21.87
CA LEU B 473 10.39 3.32 -23.12
C LEU B 473 11.30 4.49 -23.50
N TYR B 474 11.73 5.29 -22.52
CA TYR B 474 12.72 6.35 -22.77
C TYR B 474 14.02 5.80 -23.34
N ALA B 475 14.60 4.80 -22.66
CA ALA B 475 15.84 4.20 -23.13
C ALA B 475 15.75 3.73 -24.57
N SER B 476 14.69 2.99 -24.91
CA SER B 476 14.50 2.49 -26.27
C SER B 476 14.57 3.62 -27.31
N LEU B 477 13.74 4.65 -27.13
CA LEU B 477 13.69 5.78 -28.07
C LEU B 477 14.98 6.59 -28.08
N PHE B 478 15.73 6.56 -26.98
CA PHE B 478 16.95 7.35 -26.87
C PHE B 478 17.99 6.88 -27.88
N LEU B 479 18.30 5.59 -27.84
CA LEU B 479 19.44 5.02 -28.57
C LEU B 479 19.24 4.99 -30.08
N LEU B 480 18.01 4.77 -30.56
CA LEU B 480 17.76 4.70 -32.01
C LEU B 480 18.19 5.97 -32.73
N SER B 481 17.90 7.15 -32.16
CA SER B 481 18.34 8.41 -32.75
C SER B 481 19.87 8.58 -32.72
N SER B 482 20.55 7.99 -31.74
CA SER B 482 22.01 8.02 -31.66
C SER B 482 22.66 7.24 -32.81
N LEU B 483 21.85 6.59 -33.64
CA LEU B 483 22.28 5.90 -34.85
C LEU B 483 22.20 6.81 -36.06
N GLY B 484 22.10 8.13 -35.84
CA GLY B 484 22.15 9.16 -36.86
C GLY B 484 22.96 10.37 -36.40
N GLN B 485 23.38 10.34 -35.13
CA GLN B 485 24.24 11.38 -34.55
C GLN B 485 25.70 10.98 -34.68
#